data_1EAH
#
_entry.id   1EAH
#
_cell.length_a   345.700
_cell.length_b   497.200
_cell.length_c   485.900
_cell.angle_alpha   90.00
_cell.angle_beta   90.00
_cell.angle_gamma   90.00
#
_symmetry.space_group_name_H-M   'C 2 2 21'
#
loop_
_entity.id
_entity.type
_entity.pdbx_description
1 polymer 'POLIOVIRUS TYPE 2 COAT PROTEINS VP1 TO VP4'
2 polymer 'POLIOVIRUS TYPE 2 COAT PROTEINS VP1 TO VP4'
3 polymer 'POLIOVIRUS TYPE 2 COAT PROTEINS VP1 TO VP4'
4 polymer 'POLIOVIRUS TYPE 2 COAT PROTEINS VP1 TO VP4'
5 non-polymer 1[2-CHLORO-4-METHOXY-PHENYL-OXYMETHYL]-4-[2,6-DICHLORO-PHENYL-OXYMETHYL]-BENZENE
6 non-polymer 'MYRISTIC ACID'
7 water water
#
loop_
_entity_poly.entity_id
_entity_poly.type
_entity_poly.pdbx_seq_one_letter_code
_entity_poly.pdbx_strand_id
1 'polypeptide(L)'
;GLGDLIEGVVEGVTRNALTPLTPANNLPDTQSSGPAHSKETPALTAVETGATNPLVPSDTVQTRHVIQKRTRSESTVESF
FARGACVAIIEVDNDAPTKRASKLFSVWKITYKDTVQLRRKLEFFTYSRFDMEFTFVVTSNYTDANNGHALNQVYQIMYI
PPGAPIPGKWNDYTWQTSSNPSVFYTYGAPPARISVPYVGIANAYSHFYDGFAKVPLAGQASTEGDSLYGAASLNDFGSL
AVRVVNDHNPTKLTSKIRVYMKPKHVRVWCPRPPRAVPYYGPGVDYKDGLAPLPGKGLTTY
;
1
2 'polypeptide(L)'
;SPNIEACGYSVRVMQLTLGNSTITTQEAANSVVAYGRWPEYIKDSEANPVDQPTEPDVAACRFYTLDTVTWRKESRGWWW
KLPDALKDMGLFGQNMFYHYLGRAGYTVHVQCNASKFHQGALGVFAVPEMCLAGDSTTHMFTKYENANPGEKGGEFKGSF
TLDTNATNPARNFCPVDYLFGSGVLAGNAFVYPHQIINLRTNNCATLVLPYVNSLSIDSMTKHNNWGIAILPLAPLDFAT
ESSTEIPITLTIAPMCCEFNGLRNITVPRTQ
;
2
3 'polypeptide(L)'
;GLPVLNTPGSNQYLTADNYQSPCAIPEFDVTPPIDIPGEVRNMMELAEIDTMIPLNLTNQRKNTMDMYRVELNDAAHSDT
PILCLSLSPASDPRLAHTMLGEILNYYTHWAGSLKFTFLFCGSMMATGKLLVSYAPPGAEAPKSRKEAMLGTHVIWDIGL
QSSCTMVVPWISNTTYRQTINDSFTEGGYISMFYQTRVVVPLSTPRKMDILGFVSACNDFSVRLLRDTTHISQEAMPQ
;
3
4 'polypeptide(L)' GAQVSSQKVGAHENSNRAYGGSTINYTTINYYRDSASNAASKQDFAQDPSKFTEPIKDVLIKTAPTLN 4
#
loop_
_chem_comp.id
_chem_comp.type
_chem_comp.name
_chem_comp.formula
MYR non-polymer 'MYRISTIC ACID' 'C14 H28 O2'
SC4 non-polymer 1[2-CHLORO-4-METHOXY-PHENYL-OXYMETHYL]-4-[2,6-DICHLORO-PHENYL-OXYMETHYL]-BENZENE 'C21 H17 Cl3 O3'
#
# COMPACT_ATOMS: atom_id res chain seq x y z
N ALA A 24 17.40 -8.69 1.47
CA ALA A 24 17.41 -9.95 2.26
C ALA A 24 18.68 -10.01 3.06
N ASN A 25 19.20 -8.85 3.46
CA ASN A 25 20.46 -8.92 4.18
C ASN A 25 20.55 -8.46 5.61
N ASN A 26 21.80 -8.16 5.97
CA ASN A 26 22.21 -7.72 7.27
C ASN A 26 21.74 -6.35 7.66
N LEU A 27 21.77 -6.11 8.97
CA LEU A 27 21.38 -4.86 9.53
C LEU A 27 22.69 -4.29 10.06
N PRO A 28 22.79 -2.96 10.14
CA PRO A 28 24.02 -2.34 10.63
C PRO A 28 24.22 -2.51 12.14
N ASP A 29 25.48 -2.47 12.56
CA ASP A 29 25.84 -2.60 13.96
C ASP A 29 25.48 -1.32 14.68
N THR A 30 25.36 -1.43 15.99
CA THR A 30 25.09 -0.27 16.82
C THR A 30 26.48 0.17 17.26
N GLN A 31 26.80 1.44 17.05
CA GLN A 31 28.10 1.95 17.45
C GLN A 31 27.92 2.56 18.82
N SER A 32 28.95 2.51 19.65
CA SER A 32 28.81 3.11 20.96
C SER A 32 28.71 4.62 20.76
N SER A 33 27.91 5.25 21.60
CA SER A 33 27.67 6.67 21.52
C SER A 33 27.72 7.23 22.94
N GLY A 34 28.45 8.31 23.10
CA GLY A 34 28.57 8.94 24.40
C GLY A 34 27.64 10.15 24.52
N PRO A 35 27.88 11.01 25.53
CA PRO A 35 27.07 12.21 25.76
C PRO A 35 27.28 13.27 24.69
N ALA A 36 26.36 14.22 24.60
CA ALA A 36 26.43 15.28 23.63
C ALA A 36 25.98 16.61 24.21
N HIS A 37 26.51 17.69 23.65
CA HIS A 37 26.18 19.06 24.03
C HIS A 37 26.59 19.80 22.77
N SER A 38 25.70 19.84 21.78
CA SER A 38 26.06 20.49 20.52
C SER A 38 24.91 21.22 19.86
N LYS A 39 25.22 21.86 18.75
CA LYS A 39 24.23 22.60 18.00
C LYS A 39 23.53 21.73 16.95
N GLU A 40 23.92 20.45 16.91
CA GLU A 40 23.30 19.51 15.99
C GLU A 40 22.16 18.88 16.76
N THR A 41 20.95 19.03 16.25
CA THR A 41 19.80 18.47 16.92
C THR A 41 19.00 17.53 16.01
N PRO A 42 19.41 16.25 15.93
CA PRO A 42 18.71 15.28 15.08
C PRO A 42 17.30 14.91 15.60
N ALA A 43 17.05 15.18 16.89
CA ALA A 43 15.77 14.90 17.52
C ALA A 43 14.67 15.84 16.99
N LEU A 44 15.04 17.06 16.61
CA LEU A 44 14.09 18.03 16.06
C LEU A 44 14.00 17.85 14.55
N THR A 45 12.80 18.01 14.00
CA THR A 45 12.61 17.84 12.57
C THR A 45 11.35 18.60 12.12
N ALA A 46 10.90 18.35 10.91
CA ALA A 46 9.71 18.97 10.35
C ALA A 46 9.10 17.99 9.37
N VAL A 47 8.13 17.19 9.82
CA VAL A 47 7.49 16.20 8.95
C VAL A 47 6.65 16.76 7.79
N GLU A 48 6.49 18.08 7.73
CA GLU A 48 5.73 18.74 6.66
C GLU A 48 6.37 18.52 5.30
N THR A 49 7.68 18.33 5.31
CA THR A 49 8.45 18.11 4.10
C THR A 49 8.04 16.84 3.37
N GLY A 50 7.48 15.88 4.11
CA GLY A 50 7.07 14.63 3.51
C GLY A 50 8.09 13.53 3.73
N ALA A 51 9.13 13.83 4.52
CA ALA A 51 10.19 12.87 4.81
C ALA A 51 10.10 12.32 6.23
N THR A 52 10.69 11.15 6.43
CA THR A 52 10.72 10.47 7.73
C THR A 52 12.13 10.68 8.33
N ASN A 53 12.19 11.05 9.61
CA ASN A 53 13.47 11.28 10.32
C ASN A 53 14.22 9.95 10.52
N PRO A 54 15.36 9.77 9.84
CA PRO A 54 16.22 8.57 9.88
C PRO A 54 17.09 8.40 11.12
N LEU A 55 16.49 8.52 12.30
CA LEU A 55 17.24 8.41 13.53
C LEU A 55 17.50 6.97 13.91
N VAL A 56 18.55 6.78 14.69
CA VAL A 56 18.94 5.48 15.21
C VAL A 56 19.10 5.79 16.70
N PRO A 57 19.06 4.76 17.57
CA PRO A 57 19.20 4.96 19.02
C PRO A 57 20.32 5.88 19.48
N SER A 58 21.51 5.72 18.91
CA SER A 58 22.65 6.55 19.28
C SER A 58 22.48 8.06 19.04
N ASP A 59 21.40 8.45 18.37
CA ASP A 59 21.13 9.85 18.10
C ASP A 59 20.53 10.56 19.32
N THR A 60 19.76 9.81 20.11
CA THR A 60 19.09 10.35 21.27
C THR A 60 19.48 9.76 22.64
N VAL A 61 20.28 8.70 22.67
CA VAL A 61 20.71 8.09 23.93
C VAL A 61 22.14 7.58 23.80
N GLN A 62 22.78 7.26 24.92
CA GLN A 62 24.13 6.72 24.89
C GLN A 62 23.97 5.23 24.60
N THR A 63 24.70 4.76 23.58
CA THR A 63 24.62 3.38 23.19
C THR A 63 25.93 2.64 23.35
N ARG A 64 25.87 1.32 23.31
CA ARG A 64 27.05 0.49 23.41
C ARG A 64 27.26 -0.06 22.01
N HIS A 65 28.39 -0.72 21.78
CA HIS A 65 28.63 -1.30 20.47
C HIS A 65 27.99 -2.67 20.47
N VAL A 66 27.15 -2.92 19.48
CA VAL A 66 26.49 -4.20 19.36
C VAL A 66 26.75 -4.68 17.96
N ILE A 67 27.24 -5.91 17.84
CA ILE A 67 27.49 -6.48 16.53
C ILE A 67 26.20 -7.15 16.10
N GLN A 68 25.51 -6.52 15.15
CA GLN A 68 24.23 -6.98 14.63
C GLN A 68 24.29 -8.22 13.75
N LYS A 69 23.57 -9.27 14.16
CA LYS A 69 23.53 -10.52 13.42
C LYS A 69 22.17 -10.87 12.81
N ARG A 70 21.16 -10.04 13.07
CA ARG A 70 19.83 -10.28 12.54
C ARG A 70 19.78 -9.80 11.10
N THR A 71 18.99 -10.46 10.27
CA THR A 71 18.87 -10.09 8.86
C THR A 71 17.39 -10.02 8.47
N ARG A 72 17.12 -9.44 7.31
CA ARG A 72 15.76 -9.31 6.82
C ARG A 72 15.52 -10.31 5.69
N SER A 73 16.05 -11.51 5.86
CA SER A 73 15.93 -12.56 4.86
C SER A 73 14.52 -13.05 4.56
N GLU A 74 13.67 -13.05 5.58
CA GLU A 74 12.30 -13.53 5.44
C GLU A 74 11.26 -12.48 5.08
N SER A 75 11.66 -11.21 5.04
CA SER A 75 10.72 -10.17 4.70
C SER A 75 10.94 -9.64 3.29
N THR A 76 11.73 -10.34 2.50
CA THR A 76 11.95 -9.91 1.14
C THR A 76 10.63 -10.11 0.42
N VAL A 77 10.38 -9.30 -0.61
CA VAL A 77 9.16 -9.39 -1.38
C VAL A 77 8.85 -10.85 -1.80
N GLU A 78 9.89 -11.60 -2.14
CA GLU A 78 9.77 -13.00 -2.54
C GLU A 78 9.29 -13.93 -1.44
N SER A 79 9.90 -13.82 -0.26
CA SER A 79 9.57 -14.65 0.88
C SER A 79 8.20 -14.33 1.46
N PHE A 80 7.77 -13.09 1.27
CA PHE A 80 6.47 -12.66 1.76
C PHE A 80 5.35 -13.37 0.98
N PHE A 81 5.57 -13.61 -0.31
CA PHE A 81 4.58 -14.27 -1.16
C PHE A 81 4.81 -15.75 -1.43
N ALA A 82 5.96 -16.27 -1.02
CA ALA A 82 6.34 -17.67 -1.26
C ALA A 82 5.54 -18.72 -0.49
N ARG A 83 4.21 -18.68 -0.66
CA ARG A 83 3.29 -19.59 0.01
C ARG A 83 2.12 -19.87 -0.93
N GLY A 84 1.65 -21.12 -0.96
CA GLY A 84 0.52 -21.47 -1.79
C GLY A 84 -0.76 -21.07 -1.08
N ALA A 85 -1.51 -20.14 -1.66
CA ALA A 85 -2.76 -19.66 -1.07
C ALA A 85 -3.95 -20.17 -1.87
N CYS A 86 -5.04 -20.51 -1.21
CA CYS A 86 -6.23 -20.99 -1.89
C CYS A 86 -6.96 -19.82 -2.57
N VAL A 87 -7.23 -19.95 -3.86
CA VAL A 87 -7.93 -18.90 -4.60
C VAL A 87 -9.30 -19.35 -5.13
N ALA A 88 -9.59 -20.64 -5.07
CA ALA A 88 -10.86 -21.17 -5.55
C ALA A 88 -11.12 -22.61 -5.11
N ILE A 89 -12.41 -22.95 -5.00
CA ILE A 89 -12.84 -24.30 -4.66
C ILE A 89 -13.89 -24.62 -5.73
N ILE A 90 -13.48 -25.34 -6.75
CA ILE A 90 -14.37 -25.69 -7.84
C ILE A 90 -15.04 -27.02 -7.50
N GLU A 91 -16.35 -27.08 -7.65
CA GLU A 91 -17.09 -28.30 -7.36
C GLU A 91 -17.77 -28.91 -8.56
N VAL A 92 -17.70 -30.22 -8.66
CA VAL A 92 -18.34 -30.96 -9.75
C VAL A 92 -19.11 -32.12 -9.11
N ASP A 93 -20.34 -32.34 -9.57
CA ASP A 93 -21.16 -33.42 -9.04
C ASP A 93 -21.30 -34.45 -10.14
N ASN A 94 -20.59 -35.59 -10.01
CA ASN A 94 -20.66 -36.69 -11.00
C ASN A 94 -21.98 -37.49 -10.76
N ASP A 95 -23.02 -36.70 -10.39
CA ASP A 95 -24.40 -37.08 -10.08
C ASP A 95 -24.73 -36.75 -8.61
N SER A 102 -26.44 -29.55 -15.27
CA SER A 102 -25.23 -29.87 -16.13
C SER A 102 -24.02 -30.26 -15.28
N LYS A 103 -24.13 -30.02 -13.96
CA LYS A 103 -23.07 -30.27 -12.96
C LYS A 103 -21.98 -31.33 -13.15
N LEU A 104 -22.11 -32.11 -14.23
CA LEU A 104 -21.13 -33.09 -14.62
C LEU A 104 -19.82 -32.39 -15.00
N PHE A 105 -19.87 -31.07 -15.11
CA PHE A 105 -18.70 -30.23 -15.41
C PHE A 105 -18.94 -28.80 -14.88
N SER A 106 -17.87 -28.11 -14.50
CA SER A 106 -17.94 -26.73 -13.99
C SER A 106 -16.91 -25.82 -14.64
N VAL A 107 -17.20 -24.53 -14.63
CA VAL A 107 -16.31 -23.52 -15.21
C VAL A 107 -16.04 -22.42 -14.16
N TRP A 108 -14.77 -22.11 -13.93
CA TRP A 108 -14.38 -21.10 -12.97
C TRP A 108 -13.63 -19.97 -13.68
N LYS A 109 -14.16 -18.76 -13.59
CA LYS A 109 -13.55 -17.58 -14.20
C LYS A 109 -12.32 -17.27 -13.35
N ILE A 110 -11.13 -17.34 -13.94
CA ILE A 110 -9.88 -17.10 -13.21
C ILE A 110 -9.76 -15.73 -12.54
N THR A 111 -9.48 -15.75 -11.23
CA THR A 111 -9.33 -14.53 -10.44
C THR A 111 -8.66 -14.83 -9.09
N TYR A 112 -8.18 -13.78 -8.43
CA TYR A 112 -7.54 -13.92 -7.11
C TYR A 112 -8.42 -13.24 -6.06
N LYS A 113 -9.55 -12.70 -6.51
CA LYS A 113 -10.47 -11.98 -5.65
C LYS A 113 -11.62 -12.79 -5.06
N ASP A 114 -11.68 -14.07 -5.38
CA ASP A 114 -12.72 -14.94 -4.82
C ASP A 114 -12.41 -15.26 -3.35
N THR A 115 -11.15 -15.09 -2.94
CA THR A 115 -10.75 -15.33 -1.57
C THR A 115 -10.19 -14.01 -1.04
N VAL A 116 -9.97 -13.90 0.26
CA VAL A 116 -9.47 -12.64 0.84
C VAL A 116 -8.01 -12.57 1.24
N GLN A 117 -7.46 -13.67 1.74
CA GLN A 117 -6.09 -13.70 2.23
C GLN A 117 -4.98 -13.34 1.24
N LEU A 118 -4.93 -14.00 0.09
CA LEU A 118 -3.91 -13.68 -0.90
C LEU A 118 -4.18 -12.29 -1.45
N ARG A 119 -5.46 -12.01 -1.74
CA ARG A 119 -5.85 -10.71 -2.27
C ARG A 119 -5.35 -9.54 -1.44
N ARG A 120 -5.47 -9.62 -0.12
CA ARG A 120 -5.03 -8.54 0.76
C ARG A 120 -3.53 -8.30 0.72
N LYS A 121 -2.75 -9.39 0.60
CA LYS A 121 -1.30 -9.32 0.53
C LYS A 121 -0.85 -8.69 -0.78
N LEU A 122 -1.48 -9.08 -1.89
CA LEU A 122 -1.15 -8.53 -3.20
C LEU A 122 -1.43 -7.03 -3.25
N GLU A 123 -2.51 -6.62 -2.57
CA GLU A 123 -2.93 -5.24 -2.56
C GLU A 123 -2.14 -4.26 -1.68
N PHE A 124 -0.96 -4.70 -1.24
CA PHE A 124 -0.05 -3.87 -0.47
C PHE A 124 0.71 -3.07 -1.55
N PHE A 125 0.55 -3.50 -2.82
CA PHE A 125 1.20 -2.89 -3.97
C PHE A 125 0.22 -2.61 -5.10
N THR A 126 0.52 -1.62 -5.93
CA THR A 126 -0.32 -1.24 -7.04
C THR A 126 -0.11 -2.10 -8.29
N TYR A 127 1.15 -2.46 -8.56
CA TYR A 127 1.49 -3.26 -9.73
C TYR A 127 2.37 -4.44 -9.34
N SER A 128 2.32 -5.50 -10.11
CA SER A 128 3.14 -6.68 -9.83
C SER A 128 3.50 -7.38 -11.12
N ARG A 129 4.52 -8.22 -11.04
CA ARG A 129 5.00 -8.96 -12.19
C ARG A 129 5.65 -10.21 -11.61
N PHE A 130 5.14 -11.38 -11.99
CA PHE A 130 5.66 -12.64 -11.49
C PHE A 130 5.18 -13.82 -12.32
N ASP A 131 5.67 -15.00 -11.98
CA ASP A 131 5.26 -16.24 -12.61
C ASP A 131 4.33 -16.89 -11.60
N MET A 132 3.54 -17.86 -12.02
CA MET A 132 2.63 -18.49 -11.08
C MET A 132 2.74 -19.99 -11.06
N GLU A 133 2.60 -20.55 -9.88
CA GLU A 133 2.63 -21.97 -9.71
C GLU A 133 1.26 -22.36 -9.16
N PHE A 134 0.57 -23.26 -9.86
CA PHE A 134 -0.74 -23.71 -9.45
C PHE A 134 -0.70 -25.16 -9.01
N THR A 135 -1.19 -25.43 -7.80
CA THR A 135 -1.25 -26.77 -7.25
C THR A 135 -2.73 -27.06 -7.02
N PHE A 136 -3.17 -28.25 -7.43
CA PHE A 136 -4.57 -28.64 -7.28
C PHE A 136 -4.77 -29.80 -6.33
N VAL A 137 -5.50 -29.54 -5.25
CA VAL A 137 -5.82 -30.57 -4.26
C VAL A 137 -7.25 -31.02 -4.57
N VAL A 138 -7.38 -32.28 -4.96
CA VAL A 138 -8.68 -32.86 -5.33
C VAL A 138 -9.21 -33.87 -4.29
N THR A 139 -10.43 -33.64 -3.82
CA THR A 139 -11.09 -34.53 -2.86
C THR A 139 -12.46 -34.92 -3.41
N SER A 140 -12.93 -36.10 -3.02
CA SER A 140 -14.21 -36.62 -3.48
C SER A 140 -14.79 -37.55 -2.40
N ASN A 141 -16.10 -37.78 -2.45
CA ASN A 141 -16.74 -38.68 -1.52
C ASN A 141 -18.16 -39.05 -1.92
N TYR A 142 -18.65 -40.16 -1.38
CA TYR A 142 -19.99 -40.64 -1.62
C TYR A 142 -20.91 -39.79 -0.79
N THR A 143 -22.00 -39.34 -1.39
CA THR A 143 -22.95 -38.52 -0.68
C THR A 143 -23.72 -39.43 0.28
N ASP A 144 -23.97 -40.65 -0.19
CA ASP A 144 -24.69 -41.64 0.58
C ASP A 144 -23.77 -42.51 1.41
N ALA A 145 -24.12 -42.68 2.67
CA ALA A 145 -23.31 -43.51 3.56
C ALA A 145 -23.41 -44.99 3.21
N ASN A 146 -24.56 -45.42 2.68
CA ASN A 146 -24.73 -46.83 2.37
C ASN A 146 -25.13 -47.14 0.94
N ASN A 147 -24.92 -46.20 0.03
CA ASN A 147 -25.32 -46.47 -1.35
C ASN A 147 -24.36 -46.03 -2.43
N GLY A 148 -24.36 -46.81 -3.51
CA GLY A 148 -23.53 -46.55 -4.66
C GLY A 148 -22.08 -46.99 -4.56
N HIS A 149 -21.44 -47.04 -5.71
CA HIS A 149 -20.03 -47.41 -5.80
C HIS A 149 -19.53 -46.92 -7.15
N ALA A 150 -18.26 -46.57 -7.20
CA ALA A 150 -17.66 -46.07 -8.44
C ALA A 150 -16.18 -46.44 -8.49
N LEU A 151 -15.65 -46.61 -9.69
CA LEU A 151 -14.22 -46.92 -9.87
C LEU A 151 -13.47 -45.59 -9.77
N ASN A 152 -12.16 -45.64 -9.57
CA ASN A 152 -11.33 -44.45 -9.44
C ASN A 152 -11.53 -43.41 -10.55
N GLN A 153 -11.75 -42.16 -10.15
CA GLN A 153 -11.98 -41.05 -11.08
C GLN A 153 -10.76 -40.33 -11.63
N VAL A 154 -10.89 -39.90 -12.88
CA VAL A 154 -9.86 -39.13 -13.57
C VAL A 154 -10.53 -37.79 -13.90
N TYR A 155 -9.84 -36.70 -13.62
CA TYR A 155 -10.36 -35.36 -13.85
C TYR A 155 -9.60 -34.67 -14.97
N GLN A 156 -10.29 -33.80 -15.68
CA GLN A 156 -9.64 -33.03 -16.73
C GLN A 156 -9.86 -31.57 -16.39
N ILE A 157 -8.75 -30.85 -16.22
CA ILE A 157 -8.79 -29.43 -15.94
C ILE A 157 -8.29 -28.73 -17.19
N MET A 158 -9.22 -28.17 -17.95
CA MET A 158 -8.90 -27.48 -19.19
C MET A 158 -8.92 -25.98 -19.05
N TYR A 159 -7.87 -25.33 -19.55
CA TYR A 159 -7.78 -23.89 -19.49
C TYR A 159 -8.37 -23.34 -20.78
N ILE A 160 -9.36 -22.47 -20.67
CA ILE A 160 -10.01 -21.88 -21.83
C ILE A 160 -9.62 -20.41 -21.93
N PRO A 161 -8.60 -20.10 -22.75
CA PRO A 161 -8.14 -18.72 -22.93
C PRO A 161 -9.28 -17.88 -23.52
N PRO A 162 -9.39 -16.61 -23.11
CA PRO A 162 -10.47 -15.77 -23.65
C PRO A 162 -10.55 -15.79 -25.17
N GLY A 163 -11.62 -16.41 -25.66
CA GLY A 163 -11.83 -16.51 -27.09
C GLY A 163 -12.15 -17.92 -27.52
N ALA A 164 -11.56 -18.90 -26.83
CA ALA A 164 -11.76 -20.31 -27.11
C ALA A 164 -13.19 -20.73 -26.76
N PRO A 165 -13.73 -21.74 -27.46
CA PRO A 165 -15.10 -22.22 -27.19
C PRO A 165 -15.24 -22.87 -25.81
N ILE A 166 -16.27 -22.45 -25.09
CA ILE A 166 -16.55 -22.98 -23.75
C ILE A 166 -17.45 -24.21 -23.82
N PRO A 167 -17.13 -25.28 -23.07
CA PRO A 167 -17.95 -26.48 -23.11
C PRO A 167 -19.40 -26.29 -22.71
N GLY A 168 -20.29 -26.90 -23.50
CA GLY A 168 -21.71 -26.82 -23.23
C GLY A 168 -22.17 -28.09 -22.51
N LYS A 169 -21.45 -29.19 -22.74
CA LYS A 169 -21.76 -30.47 -22.11
C LYS A 169 -20.47 -31.03 -21.59
N TRP A 170 -20.56 -31.92 -20.61
CA TRP A 170 -19.38 -32.51 -20.02
C TRP A 170 -18.65 -33.37 -21.04
N ASN A 171 -19.25 -33.58 -22.20
CA ASN A 171 -18.61 -34.40 -23.22
C ASN A 171 -18.69 -33.89 -24.66
N ASP A 172 -18.79 -32.58 -24.87
CA ASP A 172 -18.85 -32.08 -26.24
C ASP A 172 -17.45 -31.98 -26.86
N TYR A 173 -17.38 -31.58 -28.13
CA TYR A 173 -16.11 -31.48 -28.84
C TYR A 173 -15.01 -30.62 -28.19
N THR A 174 -15.37 -29.62 -27.38
CA THR A 174 -14.37 -28.74 -26.77
C THR A 174 -13.34 -29.46 -25.90
N TRP A 175 -13.70 -30.61 -25.36
CA TRP A 175 -12.78 -31.35 -24.49
C TRP A 175 -11.66 -32.10 -25.21
N GLN A 176 -11.55 -31.90 -26.52
CA GLN A 176 -10.49 -32.52 -27.32
C GLN A 176 -9.15 -31.82 -27.08
N THR A 177 -9.22 -30.61 -26.52
CA THR A 177 -8.05 -29.76 -26.22
C THR A 177 -6.90 -29.74 -27.19
N SER A 178 -7.15 -29.80 -28.50
CA SER A 178 -6.01 -29.81 -29.41
C SER A 178 -5.04 -28.63 -29.28
N SER A 179 -5.49 -27.54 -28.67
CA SER A 179 -4.65 -26.35 -28.49
C SER A 179 -4.68 -25.82 -27.06
N ASN A 180 -5.81 -25.99 -26.37
CA ASN A 180 -5.91 -25.53 -25.00
C ASN A 180 -5.09 -26.47 -24.10
N PRO A 181 -4.42 -25.93 -23.07
CA PRO A 181 -3.64 -26.77 -22.17
C PRO A 181 -4.60 -27.48 -21.20
N SER A 182 -4.44 -28.79 -21.06
CA SER A 182 -5.29 -29.56 -20.16
C SER A 182 -4.41 -30.32 -19.18
N VAL A 183 -4.97 -30.61 -18.02
CA VAL A 183 -4.27 -31.38 -17.00
C VAL A 183 -5.21 -32.53 -16.62
N PHE A 184 -4.73 -33.76 -16.76
CA PHE A 184 -5.52 -34.92 -16.41
C PHE A 184 -5.01 -35.46 -15.09
N TYR A 185 -5.85 -35.39 -14.08
CA TYR A 185 -5.51 -35.81 -12.75
C TYR A 185 -6.21 -37.12 -12.35
N THR A 186 -5.46 -38.09 -11.83
CA THR A 186 -6.01 -39.37 -11.39
C THR A 186 -6.23 -39.25 -9.89
N TYR A 187 -7.44 -39.51 -9.41
CA TYR A 187 -7.76 -39.40 -8.00
C TYR A 187 -6.79 -40.20 -7.13
N GLY A 188 -6.30 -39.60 -6.05
CA GLY A 188 -5.38 -40.29 -5.16
C GLY A 188 -3.91 -40.03 -5.40
N ALA A 189 -3.57 -39.44 -6.54
CA ALA A 189 -2.19 -39.15 -6.89
C ALA A 189 -1.79 -37.84 -6.20
N PRO A 190 -0.47 -37.58 -6.05
CA PRO A 190 -0.11 -36.33 -5.38
C PRO A 190 -0.76 -35.16 -6.14
N PRO A 191 -1.06 -34.06 -5.43
CA PRO A 191 -1.69 -32.89 -6.06
C PRO A 191 -1.00 -32.51 -7.37
N ALA A 192 -1.79 -32.20 -8.39
CA ALA A 192 -1.25 -31.79 -9.69
C ALA A 192 -0.65 -30.40 -9.55
N ARG A 193 0.33 -30.07 -10.39
CA ARG A 193 0.97 -28.77 -10.30
C ARG A 193 1.57 -28.35 -11.64
N ILE A 194 1.31 -27.10 -12.04
CA ILE A 194 1.83 -26.55 -13.28
C ILE A 194 2.30 -25.10 -13.05
N SER A 195 3.18 -24.61 -13.92
CA SER A 195 3.69 -23.25 -13.85
C SER A 195 3.19 -22.44 -15.04
N VAL A 196 2.90 -21.17 -14.81
CA VAL A 196 2.40 -20.25 -15.83
C VAL A 196 3.34 -19.04 -15.84
N PRO A 197 3.75 -18.57 -17.05
CA PRO A 197 4.63 -17.41 -17.15
C PRO A 197 3.90 -16.10 -16.87
N TYR A 198 4.58 -14.96 -17.02
CA TYR A 198 3.93 -13.68 -16.83
C TYR A 198 3.08 -13.49 -18.09
N VAL A 199 1.76 -13.60 -17.95
CA VAL A 199 0.86 -13.50 -19.10
C VAL A 199 0.10 -12.19 -19.33
N GLY A 200 0.49 -11.12 -18.64
CA GLY A 200 -0.21 -9.86 -18.82
C GLY A 200 0.00 -9.19 -20.16
N ILE A 201 -0.99 -8.42 -20.61
CA ILE A 201 -0.86 -7.71 -21.89
C ILE A 201 -0.23 -6.33 -21.69
N ALA A 202 0.04 -6.00 -20.43
CA ALA A 202 0.68 -4.75 -20.06
C ALA A 202 2.05 -5.19 -19.52
N ASN A 203 2.89 -4.24 -19.14
CA ASN A 203 4.20 -4.61 -18.64
C ASN A 203 4.20 -5.09 -17.18
N ALA A 204 3.05 -4.98 -16.54
CA ALA A 204 2.86 -5.43 -15.16
C ALA A 204 1.37 -5.61 -14.91
N TYR A 205 1.03 -6.42 -13.93
CA TYR A 205 -0.36 -6.64 -13.55
C TYR A 205 -0.79 -5.44 -12.71
N SER A 206 -1.99 -4.93 -12.97
CA SER A 206 -2.51 -3.79 -12.21
C SER A 206 -3.45 -4.30 -11.13
N HIS A 207 -3.14 -4.00 -9.87
CA HIS A 207 -4.02 -4.41 -8.78
C HIS A 207 -5.14 -3.40 -8.65
N PHE A 208 -4.90 -2.20 -9.19
CA PHE A 208 -5.86 -1.11 -9.17
C PHE A 208 -5.83 -0.41 -10.51
N TYR A 209 -7.01 -0.15 -11.06
CA TYR A 209 -7.17 0.52 -12.34
C TYR A 209 -8.22 1.61 -12.21
N ASP A 210 -7.76 2.84 -12.04
CA ASP A 210 -8.65 3.98 -11.89
C ASP A 210 -9.18 4.44 -13.25
N GLY A 211 -10.07 3.65 -13.85
CA GLY A 211 -10.59 4.03 -15.14
C GLY A 211 -11.68 3.11 -15.64
N PHE A 212 -12.01 3.25 -16.92
CA PHE A 212 -13.06 2.47 -17.56
C PHE A 212 -12.52 1.85 -18.84
N ALA A 213 -13.26 0.91 -19.41
CA ALA A 213 -12.87 0.27 -20.66
C ALA A 213 -13.46 1.04 -21.84
N LYS A 214 -14.45 1.88 -21.54
CA LYS A 214 -15.14 2.70 -22.54
C LYS A 214 -15.28 4.14 -22.08
N VAL A 215 -15.37 5.03 -23.07
CA VAL A 215 -15.57 6.45 -22.82
C VAL A 215 -16.93 6.74 -23.47
N PRO A 216 -17.92 7.18 -22.68
CA PRO A 216 -19.22 7.47 -23.28
C PRO A 216 -19.08 8.75 -24.11
N LEU A 217 -19.52 8.71 -25.37
CA LEU A 217 -19.39 9.89 -26.21
C LEU A 217 -20.67 10.71 -26.19
N ALA A 218 -20.52 12.02 -26.39
CA ALA A 218 -21.64 12.95 -26.40
C ALA A 218 -22.61 12.58 -27.52
N GLY A 219 -23.89 12.52 -27.17
CA GLY A 219 -24.89 12.17 -28.17
C GLY A 219 -25.40 10.74 -28.09
N GLN A 220 -24.56 9.79 -27.69
CA GLN A 220 -25.03 8.42 -27.62
C GLN A 220 -25.93 8.14 -26.43
N ALA A 221 -26.85 7.19 -26.64
CA ALA A 221 -27.83 6.76 -25.64
C ALA A 221 -27.11 6.36 -24.36
N SER A 222 -27.74 6.61 -23.21
CA SER A 222 -27.12 6.26 -21.94
C SER A 222 -26.74 4.77 -21.83
N THR A 223 -27.46 3.94 -22.56
CA THR A 223 -27.19 2.50 -22.60
C THR A 223 -25.80 2.31 -23.26
N GLU A 224 -25.46 3.24 -24.14
CA GLU A 224 -24.19 3.25 -24.85
C GLU A 224 -23.00 3.74 -24.04
N GLY A 225 -21.81 3.26 -24.40
CA GLY A 225 -20.59 3.68 -23.74
C GLY A 225 -20.49 3.55 -22.23
N ASP A 226 -21.37 2.75 -21.64
CA ASP A 226 -21.33 2.57 -20.20
C ASP A 226 -20.56 1.28 -19.89
N SER A 227 -19.67 1.35 -18.89
CA SER A 227 -18.86 0.20 -18.48
C SER A 227 -18.57 0.30 -16.99
N LEU A 228 -18.08 -0.79 -16.39
CA LEU A 228 -17.79 -0.82 -14.97
C LEU A 228 -16.56 -0.02 -14.60
N TYR A 229 -16.66 0.66 -13.46
CA TYR A 229 -15.57 1.45 -12.95
C TYR A 229 -14.47 0.55 -12.39
N GLY A 230 -13.26 0.74 -12.88
CA GLY A 230 -12.13 -0.05 -12.41
C GLY A 230 -11.95 -1.37 -13.10
N ALA A 231 -12.73 -1.60 -14.17
CA ALA A 231 -12.64 -2.85 -14.92
C ALA A 231 -11.94 -2.65 -16.26
N ALA A 232 -11.10 -3.60 -16.62
CA ALA A 232 -10.37 -3.55 -17.88
C ALA A 232 -11.09 -4.43 -18.90
N SER A 233 -10.55 -5.61 -19.19
CA SER A 233 -11.19 -6.51 -20.13
C SER A 233 -12.37 -7.23 -19.46
N LEU A 234 -13.40 -7.57 -20.22
CA LEU A 234 -14.54 -8.30 -19.65
C LEU A 234 -14.08 -9.70 -19.28
N ASN A 235 -13.08 -10.19 -20.01
CA ASN A 235 -12.50 -11.51 -19.78
C ASN A 235 -10.99 -11.34 -19.81
N ASP A 236 -10.43 -11.06 -18.63
CA ASP A 236 -9.00 -10.86 -18.44
C ASP A 236 -8.15 -12.07 -18.74
N PHE A 237 -8.33 -13.13 -17.96
CA PHE A 237 -7.53 -14.33 -18.10
C PHE A 237 -8.23 -15.62 -18.51
N GLY A 238 -9.49 -15.53 -18.88
CA GLY A 238 -10.19 -16.73 -19.27
C GLY A 238 -10.67 -17.50 -18.06
N SER A 239 -10.90 -18.80 -18.24
CA SER A 239 -11.39 -19.62 -17.15
C SER A 239 -10.98 -21.08 -17.24
N LEU A 240 -11.28 -21.82 -16.17
CA LEU A 240 -10.96 -23.25 -16.10
C LEU A 240 -12.25 -24.05 -16.19
N ALA A 241 -12.24 -25.10 -17.00
CA ALA A 241 -13.38 -25.99 -17.15
C ALA A 241 -12.91 -27.32 -16.56
N VAL A 242 -13.63 -27.79 -15.55
CA VAL A 242 -13.29 -29.04 -14.87
C VAL A 242 -14.43 -30.07 -15.04
N ARG A 243 -14.06 -31.34 -15.22
CA ARG A 243 -15.03 -32.42 -15.37
C ARG A 243 -14.39 -33.75 -14.97
N VAL A 244 -15.23 -34.75 -14.71
CA VAL A 244 -14.75 -36.10 -14.42
C VAL A 244 -14.88 -36.79 -15.77
N VAL A 245 -13.80 -37.42 -16.22
CA VAL A 245 -13.78 -38.09 -17.51
C VAL A 245 -14.53 -39.42 -17.57
N ASN A 246 -14.63 -40.11 -16.43
CA ASN A 246 -15.32 -41.40 -16.35
C ASN A 246 -16.79 -41.24 -16.69
N ASP A 247 -17.41 -42.33 -17.17
CA ASP A 247 -18.84 -42.30 -17.46
C ASP A 247 -19.53 -42.25 -16.10
N HIS A 248 -20.47 -41.34 -15.94
CA HIS A 248 -21.16 -41.21 -14.66
C HIS A 248 -22.10 -42.38 -14.41
N ASN A 249 -22.06 -42.81 -13.16
CA ASN A 249 -22.83 -43.92 -12.61
C ASN A 249 -23.97 -43.24 -11.82
N PRO A 250 -25.13 -43.90 -11.66
CA PRO A 250 -26.25 -43.29 -10.91
C PRO A 250 -25.88 -42.91 -9.45
N THR A 251 -24.72 -43.40 -8.99
CA THR A 251 -24.26 -43.12 -7.65
C THR A 251 -24.08 -41.61 -7.41
N LYS A 252 -24.44 -41.16 -6.21
CA LYS A 252 -24.29 -39.76 -5.86
C LYS A 252 -22.88 -39.46 -5.35
N LEU A 253 -22.15 -38.67 -6.13
CA LEU A 253 -20.77 -38.31 -5.83
C LEU A 253 -20.52 -36.84 -6.07
N THR A 254 -19.64 -36.26 -5.27
CA THR A 254 -19.26 -34.87 -5.44
C THR A 254 -17.76 -34.77 -5.28
N SER A 255 -17.14 -33.91 -6.07
CA SER A 255 -15.70 -33.70 -6.00
C SER A 255 -15.46 -32.21 -5.89
N LYS A 256 -14.36 -31.86 -5.26
CA LYS A 256 -13.97 -30.47 -5.11
C LYS A 256 -12.51 -30.33 -5.44
N ILE A 257 -12.20 -29.35 -6.27
CA ILE A 257 -10.83 -29.07 -6.68
C ILE A 257 -10.47 -27.74 -6.04
N ARG A 258 -9.57 -27.79 -5.06
CA ARG A 258 -9.10 -26.59 -4.41
C ARG A 258 -7.85 -26.11 -5.15
N VAL A 259 -7.92 -24.89 -5.67
CA VAL A 259 -6.83 -24.30 -6.44
C VAL A 259 -5.93 -23.44 -5.54
N TYR A 260 -4.65 -23.78 -5.51
CA TYR A 260 -3.65 -23.04 -4.73
C TYR A 260 -2.69 -22.37 -5.70
N MET A 261 -2.42 -21.08 -5.49
CA MET A 261 -1.52 -20.35 -6.36
C MET A 261 -0.41 -19.67 -5.57
N LYS A 262 0.81 -19.74 -6.11
CA LYS A 262 1.98 -19.13 -5.50
C LYS A 262 2.76 -18.28 -6.49
N PRO A 263 2.90 -16.97 -6.20
CA PRO A 263 3.65 -16.09 -7.10
C PRO A 263 5.14 -16.37 -6.90
N LYS A 264 5.86 -16.68 -7.97
CA LYS A 264 7.29 -16.91 -7.86
C LYS A 264 7.98 -15.98 -8.86
N HIS A 265 9.19 -15.53 -8.52
CA HIS A 265 9.97 -14.59 -9.34
C HIS A 265 9.24 -13.23 -9.33
N VAL A 266 8.99 -12.77 -8.10
CA VAL A 266 8.23 -11.54 -7.81
C VAL A 266 8.92 -10.18 -7.82
N ARG A 267 8.21 -9.21 -8.42
CA ARG A 267 8.62 -7.80 -8.49
C ARG A 267 7.32 -7.02 -8.26
N VAL A 268 7.35 -6.02 -7.39
CA VAL A 268 6.16 -5.23 -7.08
C VAL A 268 6.47 -3.74 -7.04
N TRP A 269 5.48 -2.93 -7.37
CA TRP A 269 5.65 -1.47 -7.41
C TRP A 269 4.54 -0.75 -6.66
N CYS A 270 4.88 0.45 -6.20
CA CYS A 270 3.99 1.38 -5.50
C CYS A 270 3.18 0.82 -4.31
N PRO A 271 3.75 0.90 -3.11
CA PRO A 271 3.07 0.40 -1.90
C PRO A 271 1.81 1.20 -1.55
N ARG A 272 0.84 0.52 -0.95
CA ARG A 272 -0.42 1.13 -0.58
C ARG A 272 -0.80 0.66 0.82
N PRO A 273 -1.62 1.43 1.54
CA PRO A 273 -1.98 0.95 2.89
C PRO A 273 -2.88 -0.29 2.70
N PRO A 274 -2.78 -1.27 3.62
CA PRO A 274 -3.59 -2.48 3.50
C PRO A 274 -5.10 -2.27 3.75
N ARG A 275 -5.92 -3.21 3.29
CA ARG A 275 -7.37 -3.17 3.45
C ARG A 275 -7.71 -3.24 4.95
N ALA A 276 -8.44 -2.23 5.44
CA ALA A 276 -8.81 -2.16 6.86
C ALA A 276 -10.22 -2.64 7.16
N VAL A 277 -11.13 -2.45 6.21
CA VAL A 277 -12.52 -2.88 6.37
C VAL A 277 -12.79 -4.06 5.43
N PRO A 278 -13.84 -4.84 5.69
CA PRO A 278 -14.20 -5.99 4.87
C PRO A 278 -14.37 -5.68 3.37
N TYR A 279 -13.96 -6.63 2.53
CA TYR A 279 -14.10 -6.46 1.10
C TYR A 279 -15.58 -6.55 0.73
N TYR A 280 -15.96 -5.81 -0.29
CA TYR A 280 -17.33 -5.79 -0.76
C TYR A 280 -17.28 -5.83 -2.28
N GLY A 281 -16.93 -7.00 -2.80
CA GLY A 281 -16.85 -7.17 -4.23
C GLY A 281 -15.44 -7.05 -4.78
N PRO A 282 -15.30 -7.04 -6.11
CA PRO A 282 -14.03 -6.94 -6.83
C PRO A 282 -13.41 -5.55 -6.74
N GLY A 283 -14.23 -4.56 -6.41
CA GLY A 283 -13.74 -3.20 -6.31
C GLY A 283 -13.31 -2.84 -4.91
N VAL A 284 -13.04 -1.56 -4.70
CA VAL A 284 -12.63 -1.06 -3.40
C VAL A 284 -13.86 -0.70 -2.56
N ASP A 285 -15.02 -1.13 -3.02
CA ASP A 285 -16.28 -0.85 -2.36
C ASP A 285 -16.32 -1.43 -0.96
N TYR A 286 -17.00 -0.73 -0.07
CA TYR A 286 -17.15 -1.16 1.30
C TYR A 286 -18.60 -0.97 1.66
N LYS A 287 -19.03 -1.59 2.75
CA LYS A 287 -20.41 -1.45 3.19
C LYS A 287 -20.58 -1.78 4.65
N ASP A 288 -20.06 -2.93 5.06
CA ASP A 288 -20.25 -3.40 6.43
C ASP A 288 -19.35 -3.12 7.62
N GLY A 289 -18.15 -3.68 7.69
CA GLY A 289 -17.35 -3.44 8.88
C GLY A 289 -16.58 -2.14 8.91
N LEU A 290 -17.28 -1.02 8.78
CA LEU A 290 -16.64 0.30 8.73
C LEU A 290 -16.02 0.87 10.01
N ALA A 291 -16.18 0.18 11.14
CA ALA A 291 -15.60 0.67 12.39
C ALA A 291 -14.66 -0.42 12.93
N PRO A 292 -13.49 -0.62 12.28
CA PRO A 292 -12.48 -1.61 12.64
C PRO A 292 -11.74 -1.47 13.98
N LEU A 293 -11.56 -0.24 14.47
CA LEU A 293 -10.83 -0.05 15.71
C LEU A 293 -11.66 -0.09 16.99
N PRO A 294 -11.09 -0.68 18.06
CA PRO A 294 -11.74 -0.80 19.37
C PRO A 294 -11.51 0.49 20.17
N GLY A 295 -12.15 0.59 21.33
CA GLY A 295 -11.98 1.75 22.17
C GLY A 295 -10.82 1.51 23.12
N LYS A 296 -10.12 2.56 23.47
CA LYS A 296 -8.98 2.46 24.38
C LYS A 296 -8.75 3.84 24.96
N GLY A 297 -8.55 3.91 26.27
CA GLY A 297 -8.34 5.20 26.90
C GLY A 297 -7.07 5.87 26.43
N LEU A 298 -7.14 7.18 26.21
CA LEU A 298 -5.98 7.95 25.77
C LEU A 298 -4.79 7.80 26.74
N THR A 299 -5.09 7.75 28.03
CA THR A 299 -4.07 7.63 29.04
C THR A 299 -4.06 6.26 29.71
N THR A 300 -4.49 5.24 28.97
CA THR A 300 -4.51 3.88 29.47
C THR A 300 -3.45 3.10 28.73
N TYR A 301 -2.56 2.46 29.48
CA TYR A 301 -1.48 1.67 28.90
C TYR A 301 -2.05 0.36 28.32
N SER B 10 16.99 28.92 0.40
CA SER B 10 16.81 28.04 1.62
C SER B 10 15.70 27.04 1.30
N VAL B 11 15.41 26.16 2.26
CA VAL B 11 14.36 25.16 2.12
C VAL B 11 12.99 25.83 1.88
N ARG B 12 12.90 27.08 2.34
CA ARG B 12 11.68 27.89 2.31
C ARG B 12 11.36 28.82 1.14
N VAL B 13 12.36 29.27 0.39
CA VAL B 13 12.10 30.15 -0.75
C VAL B 13 12.40 29.44 -2.07
N MET B 14 11.46 29.52 -3.00
CA MET B 14 11.59 28.87 -4.30
C MET B 14 10.92 29.63 -5.41
N GLN B 15 11.27 29.26 -6.64
CA GLN B 15 10.66 29.82 -7.82
C GLN B 15 10.61 28.70 -8.84
N LEU B 16 9.42 28.47 -9.39
CA LEU B 16 9.19 27.44 -10.39
C LEU B 16 8.80 28.14 -11.68
N THR B 17 9.48 27.84 -12.78
CA THR B 17 9.17 28.44 -14.07
C THR B 17 8.93 27.34 -15.11
N LEU B 18 7.77 27.35 -15.73
CA LEU B 18 7.42 26.38 -16.76
C LEU B 18 6.69 27.14 -17.85
N GLY B 19 7.26 27.17 -19.05
CA GLY B 19 6.62 27.88 -20.14
C GLY B 19 6.57 29.37 -19.84
N ASN B 20 5.38 29.95 -19.88
CA ASN B 20 5.20 31.37 -19.62
C ASN B 20 4.66 31.65 -18.21
N SER B 21 4.77 30.66 -17.32
CA SER B 21 4.25 30.80 -15.97
C SER B 21 5.31 30.58 -14.90
N THR B 22 5.30 31.44 -13.90
CA THR B 22 6.23 31.38 -12.79
C THR B 22 5.46 31.42 -11.47
N ILE B 23 5.92 30.62 -10.51
CA ILE B 23 5.32 30.55 -9.19
C ILE B 23 6.43 30.86 -8.19
N THR B 24 6.14 31.73 -7.22
CA THR B 24 7.13 32.05 -6.20
C THR B 24 6.52 31.70 -4.85
N THR B 25 7.35 31.33 -3.90
CA THR B 25 6.89 31.03 -2.56
C THR B 25 7.99 31.44 -1.59
N GLN B 26 7.59 31.95 -0.43
CA GLN B 26 8.54 32.38 0.57
C GLN B 26 8.41 31.55 1.84
N GLU B 27 7.51 30.58 1.81
CA GLU B 27 7.28 29.67 2.94
C GLU B 27 7.01 28.24 2.51
N ALA B 28 8.01 27.64 1.89
CA ALA B 28 7.92 26.27 1.44
C ALA B 28 8.52 25.37 2.52
N ALA B 29 8.36 24.07 2.35
CA ALA B 29 8.90 23.07 3.27
C ALA B 29 9.55 22.06 2.33
N ASN B 30 10.41 22.54 1.45
CA ASN B 30 11.09 21.72 0.45
C ASN B 30 10.05 21.28 -0.60
N SER B 31 10.38 20.31 -1.44
CA SER B 31 9.44 19.81 -2.44
C SER B 31 9.68 18.31 -2.49
N VAL B 32 8.64 17.58 -2.84
CA VAL B 32 8.73 16.14 -2.94
C VAL B 32 8.73 15.72 -4.40
N VAL B 33 9.61 14.78 -4.75
CA VAL B 33 9.67 14.24 -6.10
C VAL B 33 9.23 12.79 -5.85
N ALA B 34 8.02 12.47 -6.27
CA ALA B 34 7.42 11.16 -6.06
C ALA B 34 8.28 9.98 -6.48
N TYR B 35 8.53 9.08 -5.52
CA TYR B 35 9.34 7.88 -5.75
C TYR B 35 10.74 8.20 -6.23
N GLY B 36 11.14 9.46 -6.05
CA GLY B 36 12.44 9.90 -6.48
C GLY B 36 12.60 9.95 -8.00
N ARG B 37 11.49 9.91 -8.72
CA ARG B 37 11.53 9.93 -10.18
C ARG B 37 11.00 11.21 -10.76
N TRP B 38 11.81 11.81 -11.61
CA TRP B 38 11.44 13.04 -12.27
C TRP B 38 10.75 12.60 -13.57
N PRO B 39 9.71 13.33 -14.01
CA PRO B 39 9.04 12.93 -15.25
C PRO B 39 9.99 12.92 -16.46
N GLU B 40 9.74 12.02 -17.39
CA GLU B 40 10.59 11.89 -18.58
C GLU B 40 9.75 11.42 -19.78
N TYR B 41 10.31 11.49 -20.98
CA TYR B 41 9.62 11.03 -22.17
C TYR B 41 9.89 9.53 -22.35
N ILE B 42 9.13 8.89 -23.23
CA ILE B 42 9.27 7.46 -23.47
C ILE B 42 10.57 7.22 -24.23
N LYS B 43 11.35 6.25 -23.77
CA LYS B 43 12.61 5.91 -24.42
C LYS B 43 12.29 4.94 -25.54
N ASP B 44 13.16 4.85 -26.53
CA ASP B 44 12.93 3.94 -27.66
C ASP B 44 12.83 2.49 -27.22
N SER B 45 13.49 2.16 -26.12
CA SER B 45 13.49 0.79 -25.61
C SER B 45 12.22 0.45 -24.83
N GLU B 46 11.42 1.48 -24.55
CA GLU B 46 10.18 1.28 -23.83
C GLU B 46 8.99 1.76 -24.68
N ALA B 47 9.26 2.14 -25.91
CA ALA B 47 8.24 2.63 -26.82
C ALA B 47 7.27 1.53 -27.25
N ASN B 48 6.03 1.90 -27.55
CA ASN B 48 5.02 0.94 -27.99
C ASN B 48 4.35 1.41 -29.29
N PRO B 49 3.55 2.52 -29.27
CA PRO B 49 2.92 2.97 -30.52
C PRO B 49 4.04 3.41 -31.44
N VAL B 50 3.97 3.02 -32.71
CA VAL B 50 5.01 3.34 -33.67
C VAL B 50 4.96 4.69 -34.36
N ASP B 51 3.84 5.39 -34.28
CA ASP B 51 3.72 6.68 -34.94
C ASP B 51 4.47 7.80 -34.23
N GLN B 52 4.85 8.83 -34.98
CA GLN B 52 5.55 9.99 -34.46
C GLN B 52 4.68 10.71 -33.43
N PRO B 53 5.19 10.91 -32.21
CA PRO B 53 4.43 11.60 -31.16
C PRO B 53 4.41 13.11 -31.35
N THR B 54 3.47 13.76 -30.68
CA THR B 54 3.39 15.22 -30.70
C THR B 54 3.85 15.59 -29.31
N GLU B 55 4.64 16.66 -29.22
CA GLU B 55 5.11 17.11 -27.93
C GLU B 55 4.92 18.63 -27.95
N PRO B 56 3.74 19.10 -27.50
CA PRO B 56 3.34 20.50 -27.43
C PRO B 56 4.35 21.39 -26.71
N ASP B 57 5.06 20.78 -25.76
CA ASP B 57 6.06 21.46 -24.98
C ASP B 57 5.49 22.67 -24.23
N VAL B 58 6.03 23.87 -24.44
CA VAL B 58 5.56 25.07 -23.73
C VAL B 58 4.07 25.40 -23.76
N ALA B 59 3.38 24.96 -24.81
CA ALA B 59 1.95 25.23 -24.95
C ALA B 59 1.10 24.41 -23.98
N ALA B 60 1.60 23.25 -23.58
CA ALA B 60 0.87 22.37 -22.69
C ALA B 60 1.54 22.23 -21.33
N CYS B 61 2.86 22.28 -21.31
CA CYS B 61 3.63 22.15 -20.08
C CYS B 61 3.84 23.52 -19.44
N ARG B 62 2.81 23.97 -18.75
CA ARG B 62 2.79 25.27 -18.07
C ARG B 62 1.82 25.16 -16.90
N PHE B 63 1.86 26.13 -16.00
CA PHE B 63 0.98 26.13 -14.82
C PHE B 63 -0.44 26.59 -15.10
N TYR B 64 -1.38 25.70 -14.77
CA TYR B 64 -2.80 25.96 -14.94
C TYR B 64 -3.42 26.00 -13.53
N THR B 65 -4.14 27.06 -13.23
CA THR B 65 -4.78 27.21 -11.93
C THR B 65 -6.24 26.75 -11.97
N LEU B 66 -6.52 25.67 -11.25
CA LEU B 66 -7.87 25.11 -11.17
C LEU B 66 -8.64 25.93 -10.15
N ASP B 67 -9.94 25.67 -9.99
CA ASP B 67 -10.74 26.46 -9.06
C ASP B 67 -10.32 26.37 -7.59
N THR B 68 -10.43 27.50 -6.91
CA THR B 68 -10.09 27.66 -5.48
C THR B 68 -11.20 27.10 -4.59
N VAL B 69 -10.85 26.29 -3.59
CA VAL B 69 -11.83 25.74 -2.67
C VAL B 69 -11.66 26.46 -1.32
N THR B 70 -12.67 26.43 -0.47
CA THR B 70 -12.52 27.10 0.82
C THR B 70 -12.56 26.13 2.00
N TRP B 71 -11.56 26.28 2.86
CA TRP B 71 -11.39 25.46 4.04
C TRP B 71 -12.11 26.11 5.22
N ARG B 72 -12.97 25.34 5.88
CA ARG B 72 -13.74 25.80 7.04
C ARG B 72 -13.53 24.75 8.14
N LYS B 73 -13.91 25.08 9.36
CA LYS B 73 -13.78 24.15 10.48
C LYS B 73 -14.45 22.80 10.19
N GLU B 74 -15.51 22.84 9.39
CA GLU B 74 -16.28 21.64 9.05
C GLU B 74 -15.86 20.85 7.81
N SER B 75 -14.85 21.30 7.07
CA SER B 75 -14.43 20.60 5.86
C SER B 75 -13.89 19.20 6.14
N ARG B 76 -14.24 18.23 5.28
CA ARG B 76 -13.79 16.84 5.44
C ARG B 76 -12.62 16.51 4.51
N GLY B 77 -12.51 17.22 3.39
CA GLY B 77 -11.43 16.95 2.45
C GLY B 77 -11.88 17.10 1.01
N TRP B 78 -10.91 17.10 0.11
CA TRP B 78 -11.15 17.25 -1.33
C TRP B 78 -10.30 16.27 -2.12
N TRP B 79 -10.71 15.98 -3.34
CA TRP B 79 -9.95 15.09 -4.21
C TRP B 79 -10.11 15.49 -5.68
N TRP B 80 -9.09 15.17 -6.48
CA TRP B 80 -9.07 15.45 -7.92
C TRP B 80 -8.41 14.26 -8.57
N LYS B 81 -8.60 14.12 -9.88
CA LYS B 81 -8.01 13.03 -10.64
C LYS B 81 -7.23 13.63 -11.80
N LEU B 82 -6.07 13.05 -12.12
CA LEU B 82 -5.23 13.52 -13.24
C LEU B 82 -5.15 12.43 -14.31
N PRO B 83 -5.18 12.80 -15.60
CA PRO B 83 -5.31 14.13 -16.21
C PRO B 83 -6.68 14.79 -16.20
N ASP B 84 -7.69 14.10 -15.69
CA ASP B 84 -9.06 14.61 -15.64
C ASP B 84 -9.24 16.10 -15.28
N ALA B 85 -8.70 16.54 -14.15
CA ALA B 85 -8.82 17.93 -13.72
C ALA B 85 -8.31 18.96 -14.70
N LEU B 86 -7.45 18.54 -15.63
CA LEU B 86 -6.85 19.43 -16.63
C LEU B 86 -7.41 19.26 -18.03
N LYS B 87 -8.46 18.44 -18.19
CA LYS B 87 -9.04 18.18 -19.51
C LYS B 87 -9.54 19.39 -20.29
N ASP B 88 -9.87 20.47 -19.58
CA ASP B 88 -10.36 21.68 -20.25
C ASP B 88 -9.32 22.78 -20.20
N MET B 89 -8.09 22.45 -19.81
CA MET B 89 -7.05 23.43 -19.71
C MET B 89 -6.27 23.70 -20.99
N GLY B 90 -6.53 24.86 -21.59
CA GLY B 90 -5.86 25.28 -22.81
C GLY B 90 -5.56 24.23 -23.85
N LEU B 91 -4.33 24.28 -24.37
CA LEU B 91 -3.86 23.35 -25.39
C LEU B 91 -3.54 21.97 -24.84
N PHE B 92 -3.48 21.82 -23.52
CA PHE B 92 -3.24 20.50 -22.94
C PHE B 92 -4.51 19.67 -23.20
N GLY B 93 -5.66 20.28 -22.90
CA GLY B 93 -6.94 19.61 -23.10
C GLY B 93 -7.20 19.28 -24.56
N GLN B 94 -6.79 20.17 -25.46
CA GLN B 94 -6.98 19.93 -26.90
C GLN B 94 -6.22 18.71 -27.38
N ASN B 95 -4.97 18.61 -26.96
CA ASN B 95 -4.13 17.49 -27.34
C ASN B 95 -4.63 16.19 -26.73
N MET B 96 -5.16 16.28 -25.51
CA MET B 96 -5.70 15.13 -24.81
C MET B 96 -6.86 14.52 -25.58
N PHE B 97 -7.77 15.37 -26.06
CA PHE B 97 -8.94 14.91 -26.79
C PHE B 97 -8.74 14.56 -28.26
N TYR B 98 -7.70 15.10 -28.88
CA TYR B 98 -7.43 14.81 -30.28
C TYR B 98 -6.65 13.53 -30.50
N HIS B 99 -6.02 13.04 -29.44
CA HIS B 99 -5.22 11.84 -29.52
C HIS B 99 -5.78 10.68 -28.73
N TYR B 100 -5.62 9.49 -29.30
CA TYR B 100 -6.05 8.24 -28.71
C TYR B 100 -5.23 7.98 -27.44
N LEU B 101 -3.91 8.19 -27.52
CA LEU B 101 -2.99 7.95 -26.40
C LEU B 101 -2.32 9.25 -25.94
N GLY B 102 -2.00 9.32 -24.66
CA GLY B 102 -1.35 10.50 -24.10
C GLY B 102 -0.59 10.12 -22.84
N ARG B 103 0.48 10.85 -22.54
CA ARG B 103 1.31 10.60 -21.35
C ARG B 103 1.82 11.95 -20.83
N ALA B 104 1.86 12.09 -19.50
CA ALA B 104 2.34 13.32 -18.87
C ALA B 104 2.65 13.14 -17.40
N GLY B 105 3.58 13.95 -16.92
CA GLY B 105 3.97 13.97 -15.51
C GLY B 105 3.40 15.28 -15.03
N TYR B 106 3.57 15.64 -13.76
CA TYR B 106 3.00 16.88 -13.26
C TYR B 106 3.79 17.52 -12.12
N THR B 107 3.58 18.82 -11.95
CA THR B 107 4.15 19.57 -10.82
C THR B 107 2.88 20.12 -10.17
N VAL B 108 2.54 19.58 -9.01
CA VAL B 108 1.37 20.01 -8.28
C VAL B 108 1.78 21.00 -7.20
N HIS B 109 1.21 22.19 -7.24
CA HIS B 109 1.52 23.22 -6.26
C HIS B 109 0.24 23.66 -5.57
N VAL B 110 0.07 23.24 -4.32
CA VAL B 110 -1.10 23.60 -3.53
C VAL B 110 -0.76 24.86 -2.71
N GLN B 111 -1.65 25.85 -2.72
CA GLN B 111 -1.44 27.12 -2.02
C GLN B 111 -2.46 27.37 -0.92
N CYS B 112 -1.97 27.78 0.25
CA CYS B 112 -2.83 28.05 1.41
C CYS B 112 -2.11 28.90 2.46
N ASN B 113 -2.37 30.20 2.48
CA ASN B 113 -1.75 31.09 3.45
C ASN B 113 -2.79 31.53 4.48
N ALA B 114 -2.35 31.84 5.69
CA ALA B 114 -3.24 32.28 6.76
C ALA B 114 -2.53 33.38 7.55
N SER B 115 -2.29 33.17 8.84
CA SER B 115 -1.62 34.16 9.68
C SER B 115 -1.00 33.41 10.84
N LYS B 116 -0.26 34.12 11.68
CA LYS B 116 0.40 33.50 12.83
C LYS B 116 -0.52 33.15 14.00
N PHE B 117 -1.81 33.50 13.88
CA PHE B 117 -2.80 33.21 14.90
C PHE B 117 -3.83 32.18 14.47
N HIS B 118 -3.56 31.51 13.35
CA HIS B 118 -4.43 30.47 12.79
C HIS B 118 -3.73 29.12 13.03
N GLN B 119 -4.48 28.02 13.01
CA GLN B 119 -3.93 26.67 13.18
C GLN B 119 -4.61 25.78 12.17
N GLY B 120 -4.02 24.61 11.95
CA GLY B 120 -4.59 23.68 11.00
C GLY B 120 -3.48 23.05 10.22
N ALA B 121 -3.72 21.83 9.76
CA ALA B 121 -2.72 21.12 8.99
C ALA B 121 -3.47 20.34 7.91
N LEU B 122 -3.00 20.46 6.68
CA LEU B 122 -3.59 19.77 5.54
C LEU B 122 -2.62 18.71 5.03
N GLY B 123 -3.11 17.50 4.83
CA GLY B 123 -2.27 16.44 4.31
C GLY B 123 -2.54 16.38 2.82
N VAL B 124 -1.51 16.59 2.01
CA VAL B 124 -1.63 16.56 0.56
C VAL B 124 -0.97 15.27 0.03
N PHE B 125 -1.78 14.35 -0.47
CA PHE B 125 -1.29 13.08 -0.97
C PHE B 125 -1.49 12.88 -2.46
N ALA B 126 -0.49 12.30 -3.12
CA ALA B 126 -0.56 11.99 -4.55
C ALA B 126 -0.62 10.47 -4.59
N VAL B 127 -1.74 9.94 -5.05
CA VAL B 127 -1.97 8.50 -5.10
C VAL B 127 -2.08 7.91 -6.50
N PRO B 128 -1.21 6.91 -6.81
CA PRO B 128 -1.26 6.28 -8.14
C PRO B 128 -2.46 5.31 -8.12
N GLU B 129 -3.29 5.35 -9.17
CA GLU B 129 -4.48 4.49 -9.25
C GLU B 129 -5.42 4.69 -8.06
N MET B 130 -5.75 5.94 -7.78
CA MET B 130 -6.64 6.28 -6.66
C MET B 130 -8.11 5.91 -6.88
N CYS B 131 -8.41 4.61 -6.75
CA CYS B 131 -9.77 4.12 -6.90
C CYS B 131 -10.59 4.47 -5.66
N LEU B 132 -11.77 5.06 -5.87
CA LEU B 132 -12.64 5.43 -4.76
C LEU B 132 -13.85 4.51 -4.65
N ALA B 133 -14.45 4.46 -3.47
CA ALA B 133 -15.62 3.64 -3.19
C ALA B 133 -16.92 4.30 -3.66
N GLY B 134 -17.86 3.47 -4.09
CA GLY B 134 -19.14 3.95 -4.58
C GLY B 134 -20.22 4.12 -3.53
N ASP B 135 -21.44 4.38 -3.98
CA ASP B 135 -22.56 4.58 -3.06
C ASP B 135 -23.64 3.49 -3.05
N SER B 136 -23.57 2.54 -3.97
CA SER B 136 -24.60 1.48 -4.01
C SER B 136 -24.11 0.08 -3.63
N THR B 137 -25.05 -0.85 -3.58
CA THR B 137 -24.76 -2.25 -3.28
C THR B 137 -24.28 -2.96 -4.56
N THR B 138 -24.42 -2.25 -5.68
CA THR B 138 -23.96 -2.75 -6.97
C THR B 138 -22.47 -2.37 -7.05
N HIS B 139 -21.63 -3.38 -7.30
CA HIS B 139 -20.20 -3.16 -7.36
C HIS B 139 -19.70 -2.47 -8.62
N MET B 140 -18.77 -1.54 -8.44
CA MET B 140 -18.16 -0.78 -9.54
C MET B 140 -19.23 -0.07 -10.36
N PHE B 141 -20.27 0.40 -9.66
CA PHE B 141 -21.40 1.06 -10.29
C PHE B 141 -21.25 2.55 -10.61
N THR B 142 -20.21 3.21 -10.09
CA THR B 142 -20.04 4.64 -10.36
C THR B 142 -19.92 4.86 -11.86
N LYS B 143 -20.70 5.81 -12.38
CA LYS B 143 -20.65 6.07 -13.80
C LYS B 143 -19.56 7.07 -14.20
N TYR B 144 -19.08 6.92 -15.43
CA TYR B 144 -18.02 7.77 -16.00
C TYR B 144 -18.13 9.27 -15.67
N GLU B 145 -19.31 9.84 -15.89
CA GLU B 145 -19.56 11.27 -15.65
C GLU B 145 -19.31 11.70 -14.21
N ASN B 146 -19.58 10.81 -13.26
CA ASN B 146 -19.39 11.11 -11.84
C ASN B 146 -17.96 10.88 -11.38
N ALA B 147 -17.29 9.91 -11.99
CA ALA B 147 -15.91 9.57 -11.67
C ALA B 147 -14.94 10.63 -12.19
N ASN B 148 -15.36 11.38 -13.20
CA ASN B 148 -14.55 12.41 -13.83
C ASN B 148 -15.17 13.81 -13.73
N PRO B 149 -15.10 14.43 -12.54
CA PRO B 149 -15.67 15.77 -12.31
C PRO B 149 -14.92 16.94 -12.96
N GLY B 150 -13.69 16.71 -13.40
CA GLY B 150 -12.91 17.78 -13.99
C GLY B 150 -12.27 18.64 -12.92
N GLU B 151 -11.93 19.86 -13.28
CA GLU B 151 -11.29 20.81 -12.37
C GLU B 151 -11.95 21.07 -11.03
N LYS B 152 -13.25 20.83 -10.93
CA LYS B 152 -13.92 21.06 -9.66
C LYS B 152 -13.70 19.91 -8.67
N GLY B 153 -13.28 18.75 -9.19
CA GLY B 153 -13.02 17.60 -8.34
C GLY B 153 -14.16 17.13 -7.47
N GLY B 154 -13.82 16.64 -6.28
CA GLY B 154 -14.85 16.16 -5.38
C GLY B 154 -14.52 16.41 -3.92
N GLU B 155 -15.30 15.80 -3.04
CA GLU B 155 -15.13 15.96 -1.60
C GLU B 155 -15.26 14.65 -0.82
N PHE B 156 -14.63 14.63 0.34
CA PHE B 156 -14.69 13.47 1.22
C PHE B 156 -15.84 13.68 2.16
N LYS B 157 -16.36 12.58 2.69
CA LYS B 157 -17.48 12.63 3.62
C LYS B 157 -17.09 12.05 4.95
N GLY B 158 -17.83 12.40 5.98
CA GLY B 158 -17.55 11.89 7.31
C GLY B 158 -18.15 10.52 7.57
N SER B 159 -19.04 10.08 6.70
CA SER B 159 -19.68 8.77 6.85
C SER B 159 -20.22 8.19 5.55
N PHE B 160 -20.42 6.87 5.54
CA PHE B 160 -20.94 6.20 4.36
C PHE B 160 -22.46 6.22 4.34
N THR B 161 -23.00 6.65 3.22
CA THR B 161 -24.45 6.69 3.06
C THR B 161 -24.83 6.03 1.74
N LEU B 162 -25.45 4.86 1.87
CA LEU B 162 -25.88 4.03 0.76
C LEU B 162 -27.04 4.61 -0.04
N ASP B 163 -26.84 4.71 -1.35
CA ASP B 163 -27.89 5.21 -2.23
C ASP B 163 -28.91 4.09 -2.44
N THR B 164 -30.15 4.39 -2.05
CA THR B 164 -31.25 3.41 -2.15
C THR B 164 -32.26 3.66 -3.27
N ASN B 165 -32.17 4.81 -3.94
CA ASN B 165 -33.10 5.11 -5.03
C ASN B 165 -32.85 4.14 -6.19
N ALA B 166 -33.65 3.09 -6.26
CA ALA B 166 -33.52 2.08 -7.31
C ALA B 166 -33.96 2.60 -8.68
N THR B 167 -34.94 3.48 -8.67
CA THR B 167 -35.47 4.05 -9.90
C THR B 167 -34.42 4.94 -10.56
N ASN B 168 -33.76 5.77 -9.74
CA ASN B 168 -32.74 6.68 -10.23
C ASN B 168 -31.50 6.66 -9.37
N PRO B 169 -30.68 5.60 -9.52
CA PRO B 169 -29.46 5.50 -8.73
C PRO B 169 -28.50 6.64 -9.12
N ALA B 170 -27.85 7.22 -8.11
CA ALA B 170 -26.91 8.31 -8.33
C ALA B 170 -25.65 7.83 -9.06
N ARG B 171 -25.24 6.58 -8.78
CA ARG B 171 -24.05 5.98 -9.37
C ARG B 171 -22.85 6.91 -9.17
N ASN B 172 -22.67 7.32 -7.93
CA ASN B 172 -21.60 8.22 -7.56
C ASN B 172 -20.69 7.60 -6.51
N PHE B 173 -19.64 8.33 -6.14
CA PHE B 173 -18.68 7.86 -5.14
C PHE B 173 -19.20 8.27 -3.76
N CYS B 174 -18.74 7.56 -2.73
CA CYS B 174 -19.04 7.89 -1.35
C CYS B 174 -17.75 7.66 -0.59
N PRO B 175 -16.77 8.57 -0.76
CA PRO B 175 -15.47 8.49 -0.11
C PRO B 175 -15.53 8.95 1.33
N VAL B 176 -15.42 8.03 2.27
CA VAL B 176 -15.45 8.37 3.68
C VAL B 176 -14.01 8.76 4.02
N ASP B 177 -13.83 9.90 4.69
CA ASP B 177 -12.51 10.39 5.01
C ASP B 177 -11.54 9.50 5.79
N TYR B 178 -11.94 8.99 6.95
CA TYR B 178 -11.03 8.15 7.74
C TYR B 178 -10.72 6.80 7.07
N LEU B 179 -11.50 6.45 6.06
CA LEU B 179 -11.29 5.22 5.31
C LEU B 179 -10.60 5.53 3.97
N PHE B 180 -10.05 6.73 3.87
CA PHE B 180 -9.36 7.24 2.68
C PHE B 180 -10.18 7.07 1.40
N GLY B 181 -11.49 7.01 1.55
CA GLY B 181 -12.38 6.85 0.42
C GLY B 181 -12.24 5.52 -0.30
N SER B 182 -11.51 4.56 0.28
CA SER B 182 -11.30 3.26 -0.38
C SER B 182 -11.19 2.03 0.53
N GLY B 183 -11.57 2.16 1.79
CA GLY B 183 -11.52 1.01 2.68
C GLY B 183 -10.20 0.72 3.35
N VAL B 184 -9.34 1.72 3.45
CA VAL B 184 -8.03 1.60 4.09
C VAL B 184 -7.99 2.72 5.12
N LEU B 185 -7.19 2.61 6.17
CA LEU B 185 -7.15 3.69 7.15
C LEU B 185 -6.31 4.88 6.66
N ALA B 186 -6.88 6.08 6.75
CA ALA B 186 -6.24 7.31 6.30
C ALA B 186 -4.85 7.61 6.90
N GLY B 187 -4.61 7.14 8.12
CA GLY B 187 -3.32 7.38 8.76
C GLY B 187 -2.17 6.68 8.05
N ASN B 188 -2.49 5.68 7.24
CA ASN B 188 -1.51 4.92 6.48
C ASN B 188 -1.29 5.50 5.09
N ALA B 189 -2.02 6.54 4.74
CA ALA B 189 -1.91 7.18 3.43
C ALA B 189 -0.56 7.88 3.26
N PHE B 190 0.24 7.91 4.33
CA PHE B 190 1.55 8.54 4.30
C PHE B 190 2.59 7.71 3.54
N VAL B 191 2.21 6.52 3.09
CA VAL B 191 3.09 5.68 2.30
C VAL B 191 3.11 6.18 0.85
N TYR B 192 2.24 7.15 0.55
CA TYR B 192 2.14 7.76 -0.77
C TYR B 192 2.88 9.07 -0.72
N PRO B 193 3.48 9.51 -1.86
CA PRO B 193 4.20 10.79 -1.85
C PRO B 193 3.27 11.89 -1.31
N HIS B 194 3.77 12.71 -0.39
CA HIS B 194 2.95 13.73 0.24
C HIS B 194 3.78 14.84 0.88
N GLN B 195 3.08 15.85 1.38
CA GLN B 195 3.65 16.98 2.10
C GLN B 195 2.51 17.38 3.02
N ILE B 196 2.80 18.16 4.05
CA ILE B 196 1.78 18.63 4.97
C ILE B 196 1.84 20.14 5.02
N ILE B 197 0.70 20.79 4.91
CA ILE B 197 0.65 22.25 5.02
C ILE B 197 0.14 22.55 6.41
N ASN B 198 1.07 22.70 7.34
CA ASN B 198 0.76 23.01 8.73
C ASN B 198 0.86 24.54 8.76
N LEU B 199 -0.25 25.23 9.00
CA LEU B 199 -0.29 26.69 8.99
C LEU B 199 0.81 27.46 9.75
N ARG B 200 1.33 26.88 10.82
CA ARG B 200 2.41 27.52 11.59
C ARG B 200 3.79 27.36 10.95
N THR B 201 3.88 26.55 9.90
CA THR B 201 5.14 26.26 9.20
C THR B 201 5.24 26.67 7.72
N ASN B 202 4.28 26.25 6.88
CA ASN B 202 4.31 26.56 5.46
C ASN B 202 3.03 27.07 4.79
N ASN B 203 3.21 27.60 3.58
CA ASN B 203 2.19 28.18 2.70
C ASN B 203 1.66 27.20 1.71
N CYS B 204 2.53 26.26 1.34
CA CYS B 204 2.22 25.35 0.27
C CYS B 204 2.84 23.99 0.40
N ALA B 205 2.54 23.18 -0.60
CA ALA B 205 3.04 21.83 -0.74
C ALA B 205 3.36 21.73 -2.24
N THR B 206 4.51 21.18 -2.57
CA THR B 206 4.91 21.02 -3.96
C THR B 206 5.33 19.57 -4.22
N LEU B 207 4.68 18.93 -5.18
CA LEU B 207 4.98 17.55 -5.52
C LEU B 207 5.23 17.40 -7.03
N VAL B 208 6.35 16.77 -7.39
CA VAL B 208 6.70 16.51 -8.79
C VAL B 208 6.36 15.04 -8.99
N LEU B 209 5.42 14.77 -9.89
CA LEU B 209 4.96 13.42 -10.17
C LEU B 209 5.39 12.90 -11.53
N PRO B 210 6.11 11.76 -11.57
CA PRO B 210 6.52 11.19 -12.85
C PRO B 210 5.30 10.44 -13.41
N TYR B 211 5.35 9.96 -14.63
CA TYR B 211 4.22 9.20 -15.14
C TYR B 211 4.31 7.81 -14.51
N VAL B 212 3.23 7.36 -13.88
CA VAL B 212 3.18 6.04 -13.25
C VAL B 212 2.03 5.26 -13.89
N ASN B 213 2.32 4.05 -14.34
CA ASN B 213 1.32 3.18 -14.97
C ASN B 213 2.02 1.85 -15.28
N SER B 214 1.27 0.84 -15.65
CA SER B 214 1.83 -0.48 -15.99
C SER B 214 2.11 -0.56 -17.48
N LEU B 215 1.96 0.57 -18.17
CA LEU B 215 2.18 0.71 -19.60
C LEU B 215 2.97 1.99 -19.78
N SER B 216 3.59 2.15 -20.94
CA SER B 216 4.35 3.35 -21.23
C SER B 216 3.44 4.53 -21.60
N ILE B 217 2.31 4.22 -22.22
CA ILE B 217 1.36 5.25 -22.61
C ILE B 217 -0.04 4.63 -22.56
N ASP B 218 -1.06 5.44 -22.30
CA ASP B 218 -2.42 4.93 -22.18
C ASP B 218 -3.43 5.95 -22.68
N SER B 219 -4.70 5.63 -22.53
CA SER B 219 -5.79 6.51 -22.93
C SER B 219 -6.03 7.45 -21.75
N MET B 220 -5.91 8.75 -21.97
CA MET B 220 -6.12 9.72 -20.90
C MET B 220 -7.59 9.93 -20.56
N THR B 221 -8.46 9.60 -21.50
CA THR B 221 -9.89 9.74 -21.28
C THR B 221 -10.48 8.56 -20.51
N LYS B 222 -9.95 7.36 -20.74
CA LYS B 222 -10.44 6.18 -20.03
C LYS B 222 -9.78 5.98 -18.67
N HIS B 223 -8.53 6.42 -18.57
CA HIS B 223 -7.74 6.19 -17.37
C HIS B 223 -7.10 7.40 -16.67
N ASN B 224 -7.29 7.49 -15.35
CA ASN B 224 -6.68 8.54 -14.53
C ASN B 224 -5.51 7.88 -13.79
N ASN B 225 -4.31 8.42 -14.01
CA ASN B 225 -3.09 7.88 -13.43
C ASN B 225 -2.86 8.23 -11.96
N TRP B 226 -3.07 9.50 -11.63
CA TRP B 226 -2.87 9.99 -10.29
C TRP B 226 -4.13 10.58 -9.69
N GLY B 227 -4.17 10.60 -8.37
CA GLY B 227 -5.29 11.18 -7.65
C GLY B 227 -4.66 12.10 -6.63
N ILE B 228 -5.26 13.26 -6.41
CA ILE B 228 -4.76 14.20 -5.42
C ILE B 228 -5.80 14.26 -4.32
N ALA B 229 -5.40 13.92 -3.10
CA ALA B 229 -6.30 13.94 -1.96
C ALA B 229 -5.80 14.94 -0.92
N ILE B 230 -6.68 15.82 -0.47
CA ILE B 230 -6.33 16.81 0.54
C ILE B 230 -7.27 16.59 1.72
N LEU B 231 -6.71 16.26 2.88
CA LEU B 231 -7.51 16.01 4.09
C LEU B 231 -7.06 16.89 5.25
N PRO B 232 -8.02 17.48 6.00
CA PRO B 232 -7.65 18.33 7.14
C PRO B 232 -7.18 17.39 8.27
N LEU B 233 -5.88 17.32 8.51
CA LEU B 233 -5.34 16.45 9.57
C LEU B 233 -5.60 17.07 10.94
N ALA B 234 -5.52 18.39 11.01
CA ALA B 234 -5.78 19.17 12.21
C ALA B 234 -6.69 20.25 11.64
N PRO B 235 -7.95 20.32 12.11
CA PRO B 235 -8.95 21.30 11.65
C PRO B 235 -8.56 22.77 11.77
N LEU B 236 -9.15 23.59 10.92
CA LEU B 236 -8.91 25.02 10.87
C LEU B 236 -9.48 25.69 12.11
N ASP B 237 -8.70 26.55 12.74
CA ASP B 237 -9.16 27.27 13.91
C ASP B 237 -8.52 28.65 13.97
N PHE B 238 -9.27 29.64 14.42
CA PHE B 238 -8.75 30.98 14.49
C PHE B 238 -9.20 31.73 15.73
N ALA B 239 -8.27 32.53 16.26
CA ALA B 239 -8.47 33.40 17.43
C ALA B 239 -9.62 32.96 18.30
N THR B 240 -10.82 33.35 17.88
CA THR B 240 -12.06 33.01 18.57
C THR B 240 -13.22 33.07 17.57
N GLU B 241 -12.85 33.16 16.30
CA GLU B 241 -13.86 33.22 15.26
C GLU B 241 -14.25 31.82 14.86
N SER B 242 -15.41 31.40 15.37
CA SER B 242 -16.00 30.08 15.04
C SER B 242 -16.10 30.10 13.50
N SER B 243 -16.22 31.33 13.01
CA SER B 243 -16.32 31.65 11.61
C SER B 243 -14.90 31.92 11.07
N THR B 244 -14.41 31.02 10.24
CA THR B 244 -13.10 31.21 9.62
C THR B 244 -13.13 30.44 8.32
N GLU B 245 -12.62 31.07 7.27
CA GLU B 245 -12.56 30.50 5.95
C GLU B 245 -11.26 30.94 5.32
N ILE B 246 -10.47 30.00 4.83
CA ILE B 246 -9.24 30.36 4.13
C ILE B 246 -9.27 29.54 2.84
N PRO B 247 -8.98 30.19 1.71
CA PRO B 247 -9.00 29.46 0.43
C PRO B 247 -7.80 28.54 0.19
N ILE B 248 -8.02 27.51 -0.61
CA ILE B 248 -6.97 26.58 -0.97
C ILE B 248 -6.98 26.58 -2.49
N THR B 249 -5.92 27.11 -3.09
CA THR B 249 -5.83 27.14 -4.54
C THR B 249 -4.89 26.03 -5.02
N LEU B 250 -5.26 25.39 -6.11
CA LEU B 250 -4.50 24.29 -6.69
C LEU B 250 -3.99 24.66 -8.08
N THR B 251 -2.68 24.68 -8.25
CA THR B 251 -2.04 25.00 -9.53
C THR B 251 -1.22 23.78 -9.96
N ILE B 252 -1.55 23.24 -11.14
CA ILE B 252 -0.86 22.05 -11.65
C ILE B 252 -0.32 22.29 -13.05
N ALA B 253 0.86 21.74 -13.33
CA ALA B 253 1.49 21.89 -14.64
C ALA B 253 1.89 20.54 -15.22
N PRO B 254 1.35 20.18 -16.38
CA PRO B 254 1.73 18.89 -16.97
C PRO B 254 3.19 18.96 -17.46
N MET B 255 3.89 17.84 -17.47
CA MET B 255 5.29 17.81 -17.87
C MET B 255 5.59 16.66 -18.82
N CYS B 256 6.48 16.91 -19.78
CA CYS B 256 6.86 15.90 -20.77
C CYS B 256 5.65 15.25 -21.41
N CYS B 257 4.78 16.08 -21.98
CA CYS B 257 3.58 15.59 -22.65
C CYS B 257 3.92 15.06 -24.02
N GLU B 258 3.44 13.87 -24.34
CA GLU B 258 3.63 13.32 -25.66
C GLU B 258 2.37 12.51 -25.96
N PHE B 259 1.80 12.75 -27.14
CA PHE B 259 0.58 12.10 -27.56
C PHE B 259 0.80 11.30 -28.83
N ASN B 260 0.04 10.21 -28.98
CA ASN B 260 0.11 9.33 -30.13
C ASN B 260 -1.30 8.96 -30.59
N GLY B 261 -1.46 8.66 -31.86
CA GLY B 261 -2.76 8.26 -32.39
C GLY B 261 -3.74 9.38 -32.66
N LEU B 262 -3.34 10.33 -33.50
CA LEU B 262 -4.18 11.48 -33.86
C LEU B 262 -5.33 11.10 -34.78
N ARG B 263 -6.51 11.66 -34.51
CA ARG B 263 -7.72 11.45 -35.30
C ARG B 263 -8.64 12.65 -35.06
N ASN B 264 -9.94 12.42 -35.18
CA ASN B 264 -10.92 13.47 -34.93
C ASN B 264 -11.05 13.65 -33.41
N ILE B 265 -11.51 14.80 -32.97
CA ILE B 265 -11.61 15.06 -31.53
C ILE B 265 -12.68 14.26 -30.78
N THR B 266 -12.34 13.89 -29.55
CA THR B 266 -13.22 13.16 -28.66
C THR B 266 -14.09 14.16 -27.91
N VAL B 267 -15.38 13.87 -27.86
CA VAL B 267 -16.31 14.72 -27.14
C VAL B 267 -17.05 13.78 -26.20
N PRO B 268 -16.57 13.67 -24.94
CA PRO B 268 -17.21 12.79 -23.97
C PRO B 268 -18.58 13.26 -23.49
N ARG B 269 -19.40 12.31 -23.10
CA ARG B 269 -20.74 12.57 -22.60
C ARG B 269 -20.57 13.21 -21.21
N THR B 270 -21.46 14.15 -20.87
CA THR B 270 -21.37 14.85 -19.58
C THR B 270 -22.61 14.86 -18.67
N GLN B 271 -22.36 15.20 -17.39
CA GLN B 271 -23.33 15.30 -16.27
C GLN B 271 -24.08 14.00 -15.86
N GLY C 1 15.79 -49.85 -15.10
CA GLY C 1 16.23 -48.43 -14.98
C GLY C 1 17.10 -48.24 -13.76
N LEU C 2 17.36 -46.99 -13.39
CA LEU C 2 18.18 -46.68 -12.22
C LEU C 2 17.39 -47.02 -10.96
N PRO C 3 17.97 -47.85 -10.08
CA PRO C 3 17.29 -48.24 -8.84
C PRO C 3 17.13 -47.06 -7.88
N VAL C 4 15.89 -46.80 -7.44
CA VAL C 4 15.58 -45.71 -6.52
C VAL C 4 14.84 -46.25 -5.29
N LEU C 5 14.81 -45.44 -4.23
CA LEU C 5 14.15 -45.81 -2.97
C LEU C 5 13.38 -44.58 -2.51
N ASN C 6 12.07 -44.72 -2.38
CA ASN C 6 11.21 -43.61 -1.94
C ASN C 6 11.27 -43.34 -0.46
N THR C 7 11.62 -42.12 -0.12
CA THR C 7 11.75 -41.71 1.27
C THR C 7 10.46 -41.08 1.81
N PRO C 8 10.27 -41.11 3.14
CA PRO C 8 9.07 -40.52 3.72
C PRO C 8 8.99 -39.03 3.30
N GLY C 9 7.78 -38.56 3.05
CA GLY C 9 7.60 -37.20 2.61
C GLY C 9 7.21 -37.22 1.14
N SER C 10 7.39 -38.38 0.49
CA SER C 10 7.05 -38.55 -0.91
C SER C 10 5.55 -38.39 -1.15
N ASN C 11 5.21 -37.70 -2.25
CA ASN C 11 3.82 -37.48 -2.68
C ASN C 11 3.01 -36.52 -1.82
N GLN C 12 3.67 -35.82 -0.93
CA GLN C 12 3.01 -34.87 -0.06
C GLN C 12 3.02 -33.51 -0.75
N TYR C 13 2.26 -32.57 -0.19
CA TYR C 13 2.22 -31.22 -0.72
C TYR C 13 2.46 -30.23 0.42
N LEU C 14 3.69 -29.75 0.52
CA LEU C 14 4.05 -28.76 1.53
C LEU C 14 3.78 -27.41 0.89
N THR C 15 2.86 -26.67 1.50
CA THR C 15 2.44 -25.36 1.04
C THR C 15 3.60 -24.34 0.91
N ALA C 16 4.71 -24.63 1.58
CA ALA C 16 5.88 -23.76 1.56
C ALA C 16 7.08 -24.36 0.83
N ASP C 17 6.85 -25.36 0.00
CA ASP C 17 7.96 -25.98 -0.73
C ASP C 17 8.45 -25.07 -1.84
N ASN C 18 9.55 -25.46 -2.48
CA ASN C 18 10.12 -24.67 -3.56
C ASN C 18 10.72 -25.60 -4.62
N TYR C 19 9.85 -26.15 -5.46
CA TYR C 19 10.27 -27.08 -6.52
C TYR C 19 9.93 -26.53 -7.90
N GLN C 20 10.37 -27.26 -8.93
CA GLN C 20 10.13 -26.92 -10.32
C GLN C 20 8.91 -27.70 -10.79
N SER C 21 8.26 -27.20 -11.83
CA SER C 21 7.09 -27.86 -12.39
C SER C 21 7.00 -27.53 -13.88
N PRO C 22 6.29 -28.37 -14.67
CA PRO C 22 6.19 -28.08 -16.10
C PRO C 22 5.37 -26.83 -16.40
N CYS C 23 5.74 -26.14 -17.47
CA CYS C 23 5.07 -24.93 -17.87
C CYS C 23 3.87 -25.27 -18.77
N ALA C 24 2.69 -24.80 -18.39
CA ALA C 24 1.47 -25.08 -19.15
C ALA C 24 1.34 -24.26 -20.43
N ILE C 25 2.07 -23.15 -20.54
CA ILE C 25 2.04 -22.34 -21.76
C ILE C 25 3.48 -22.16 -22.25
N PRO C 26 4.04 -23.21 -22.87
CA PRO C 26 5.42 -23.16 -23.38
C PRO C 26 5.64 -22.19 -24.54
N GLU C 27 6.87 -21.69 -24.64
CA GLU C 27 7.30 -20.74 -25.68
C GLU C 27 6.50 -19.44 -25.77
N PHE C 28 5.87 -19.07 -24.67
CA PHE C 28 5.07 -17.85 -24.60
C PHE C 28 5.97 -16.62 -24.67
N ASP C 29 5.61 -15.68 -25.54
CA ASP C 29 6.36 -14.43 -25.70
C ASP C 29 5.97 -13.45 -24.60
N VAL C 30 6.74 -13.46 -23.52
CA VAL C 30 6.50 -12.61 -22.35
C VAL C 30 6.74 -11.13 -22.63
N THR C 31 5.79 -10.28 -22.23
CA THR C 31 5.90 -8.84 -22.39
C THR C 31 7.04 -8.38 -21.50
N PRO C 32 8.04 -7.68 -22.08
CA PRO C 32 9.18 -7.20 -21.28
C PRO C 32 8.77 -6.15 -20.25
N PRO C 33 9.61 -5.94 -19.22
CA PRO C 33 9.25 -4.94 -18.21
C PRO C 33 9.63 -3.51 -18.59
N ILE C 34 9.07 -2.54 -17.87
CA ILE C 34 9.39 -1.16 -18.09
C ILE C 34 9.81 -0.66 -16.71
N ASP C 35 10.55 0.43 -16.66
CA ASP C 35 11.01 0.97 -15.39
C ASP C 35 9.90 1.80 -14.74
N ILE C 36 9.06 1.14 -13.95
CA ILE C 36 7.96 1.79 -13.25
C ILE C 36 8.53 2.35 -11.93
N PRO C 37 8.21 3.61 -11.62
CA PRO C 37 8.69 4.24 -10.38
C PRO C 37 8.12 3.57 -9.13
N GLY C 38 8.86 3.62 -8.03
CA GLY C 38 8.39 3.04 -6.77
C GLY C 38 8.44 1.55 -6.56
N GLU C 39 9.49 0.87 -7.03
CA GLU C 39 9.60 -0.56 -6.84
C GLU C 39 10.05 -0.88 -5.41
N VAL C 40 9.58 -2.00 -4.87
CA VAL C 40 9.90 -2.42 -3.52
C VAL C 40 10.64 -3.78 -3.55
N ARG C 41 11.68 -3.92 -2.72
CA ARG C 41 12.45 -5.17 -2.63
C ARG C 41 12.23 -5.92 -1.32
N ASN C 42 11.94 -5.18 -0.26
CA ASN C 42 11.75 -5.79 1.06
C ASN C 42 10.60 -5.13 1.80
N MET C 43 9.79 -5.93 2.51
CA MET C 43 8.65 -5.43 3.27
C MET C 43 9.07 -4.47 4.38
N MET C 44 10.30 -4.59 4.86
CA MET C 44 10.80 -3.72 5.91
C MET C 44 10.97 -2.28 5.46
N GLU C 45 11.02 -2.06 4.15
CA GLU C 45 11.17 -0.71 3.62
C GLU C 45 9.90 0.07 3.96
N LEU C 46 8.77 -0.61 3.91
CA LEU C 46 7.48 -0.01 4.20
C LEU C 46 7.30 0.28 5.69
N ALA C 47 7.93 -0.54 6.54
CA ALA C 47 7.84 -0.37 7.98
C ALA C 47 8.66 0.82 8.47
N GLU C 48 9.54 1.34 7.62
CA GLU C 48 10.40 2.47 7.94
C GLU C 48 9.86 3.84 7.54
N ILE C 49 8.64 3.86 7.00
CA ILE C 49 7.97 5.09 6.58
C ILE C 49 7.05 5.51 7.73
N ASP C 50 7.08 6.80 8.06
CA ASP C 50 6.24 7.34 9.12
C ASP C 50 4.77 7.18 8.76
N THR C 51 4.00 6.65 9.68
CA THR C 51 2.57 6.43 9.51
C THR C 51 1.89 7.02 10.75
N MET C 52 0.78 7.72 10.56
CA MET C 52 0.06 8.37 11.65
C MET C 52 -0.61 7.38 12.59
N ILE C 53 -0.41 7.59 13.89
CA ILE C 53 -0.95 6.71 14.92
C ILE C 53 -2.34 7.15 15.42
N PRO C 54 -3.30 6.21 15.46
CA PRO C 54 -4.64 6.54 15.95
C PRO C 54 -4.62 6.50 17.50
N LEU C 55 -4.01 7.53 18.09
CA LEU C 55 -3.82 7.67 19.54
C LEU C 55 -5.06 7.87 20.40
N ASN C 56 -6.08 8.54 19.86
CA ASN C 56 -7.29 8.82 20.60
C ASN C 56 -8.46 7.88 20.32
N LEU C 57 -8.39 6.66 20.84
CA LEU C 57 -9.44 5.68 20.63
C LEU C 57 -10.60 5.72 21.63
N THR C 58 -10.95 6.91 22.08
CA THR C 58 -12.07 7.06 23.00
C THR C 58 -13.34 6.80 22.20
N ASN C 59 -14.40 6.38 22.89
CA ASN C 59 -15.67 6.04 22.21
C ASN C 59 -16.22 7.03 21.21
N GLN C 60 -16.08 8.33 21.48
CA GLN C 60 -16.56 9.33 20.54
C GLN C 60 -15.61 9.61 19.38
N ARG C 61 -14.32 9.33 19.58
CA ARG C 61 -13.31 9.58 18.59
C ARG C 61 -12.85 8.40 17.76
N LYS C 62 -12.90 7.20 18.32
CA LYS C 62 -12.45 6.03 17.58
C LYS C 62 -13.23 5.90 16.29
N ASN C 63 -12.55 5.46 15.24
CA ASN C 63 -13.14 5.27 13.92
C ASN C 63 -13.67 6.54 13.26
N THR C 64 -12.99 7.65 13.51
CA THR C 64 -13.31 8.94 12.92
C THR C 64 -11.94 9.60 12.78
N MET C 65 -11.88 10.73 12.11
CA MET C 65 -10.61 11.42 11.94
C MET C 65 -10.08 11.94 13.27
N ASP C 66 -10.93 11.98 14.29
CA ASP C 66 -10.54 12.45 15.61
C ASP C 66 -9.70 11.48 16.41
N MET C 67 -9.64 10.23 15.96
CA MET C 67 -8.85 9.24 16.66
C MET C 67 -7.35 9.53 16.48
N TYR C 68 -7.02 10.37 15.51
CA TYR C 68 -5.63 10.74 15.23
C TYR C 68 -5.20 12.02 15.91
N ARG C 69 -6.15 12.75 16.46
CA ARG C 69 -5.85 14.02 17.10
C ARG C 69 -5.82 13.98 18.61
N VAL C 70 -4.69 14.40 19.18
CA VAL C 70 -4.54 14.47 20.63
C VAL C 70 -4.44 15.95 20.95
N GLU C 71 -5.43 16.43 21.67
CA GLU C 71 -5.52 17.84 22.02
C GLU C 71 -4.75 18.30 23.26
N LEU C 72 -4.11 19.46 23.14
CA LEU C 72 -3.35 20.08 24.22
C LEU C 72 -4.01 21.43 24.52
N ASN C 73 -3.65 22.03 25.65
CA ASN C 73 -4.21 23.33 26.02
C ASN C 73 -3.22 24.14 26.85
N ASP C 74 -3.51 25.43 26.99
CA ASP C 74 -2.64 26.34 27.74
C ASP C 74 -2.86 26.35 29.25
N ALA C 75 -3.41 25.28 29.80
CA ALA C 75 -3.65 25.22 31.23
C ALA C 75 -2.35 25.24 32.01
N ALA C 76 -2.44 25.59 33.30
CA ALA C 76 -1.27 25.62 34.16
C ALA C 76 -0.64 24.24 34.19
N HIS C 77 0.66 24.19 34.49
CA HIS C 77 1.39 22.94 34.52
C HIS C 77 0.77 21.82 35.35
N SER C 78 0.70 20.61 34.78
CA SER C 78 0.20 19.43 35.51
C SER C 78 1.19 18.29 35.28
N ASP C 79 1.27 17.39 36.26
CA ASP C 79 2.18 16.25 36.15
C ASP C 79 1.51 14.99 35.62
N THR C 80 0.25 15.10 35.23
CA THR C 80 -0.47 13.95 34.70
C THR C 80 -0.18 13.77 33.21
N PRO C 81 -0.12 12.51 32.76
CA PRO C 81 0.16 12.16 31.37
C PRO C 81 -0.85 12.68 30.36
N ILE C 82 -0.34 13.05 29.19
CA ILE C 82 -1.16 13.53 28.09
C ILE C 82 -1.68 12.29 27.35
N LEU C 83 -0.86 11.23 27.31
CA LEU C 83 -1.23 9.97 26.67
C LEU C 83 -0.36 8.85 27.23
N CYS C 84 -0.84 7.62 27.09
CA CYS C 84 -0.13 6.44 27.57
C CYS C 84 -0.29 5.35 26.54
N LEU C 85 0.77 4.57 26.36
CA LEU C 85 0.82 3.51 25.37
C LEU C 85 1.72 2.38 25.85
N SER C 86 1.47 1.18 25.35
CA SER C 86 2.31 0.04 25.70
C SER C 86 3.10 -0.32 24.44
N LEU C 87 4.37 -0.68 24.62
CA LEU C 87 5.19 -1.05 23.49
C LEU C 87 4.91 -2.49 23.01
N SER C 88 3.75 -2.65 22.39
CA SER C 88 3.30 -3.92 21.81
C SER C 88 2.84 -3.44 20.43
N PRO C 89 3.80 -3.18 19.53
CA PRO C 89 3.57 -2.70 18.16
C PRO C 89 2.59 -3.48 17.29
N ALA C 90 2.45 -4.77 17.55
CA ALA C 90 1.55 -5.59 16.75
C ALA C 90 0.20 -5.83 17.41
N SER C 91 0.13 -5.67 18.73
CA SER C 91 -1.10 -5.92 19.48
C SER C 91 -1.82 -4.74 20.14
N ASP C 92 -1.08 -3.72 20.56
CA ASP C 92 -1.73 -2.55 21.18
C ASP C 92 -2.65 -1.99 20.10
N PRO C 93 -3.94 -1.75 20.44
CA PRO C 93 -4.91 -1.21 19.46
C PRO C 93 -4.51 0.07 18.73
N ARG C 94 -3.68 0.87 19.39
CA ARG C 94 -3.21 2.13 18.80
C ARG C 94 -2.06 1.95 17.83
N LEU C 95 -1.34 0.83 17.94
CA LEU C 95 -0.20 0.55 17.07
C LEU C 95 -0.47 -0.54 16.03
N ALA C 96 -1.34 -1.47 16.37
CA ALA C 96 -1.67 -2.62 15.53
C ALA C 96 -2.20 -2.32 14.12
N HIS C 97 -2.71 -1.11 13.90
CA HIS C 97 -3.28 -0.76 12.59
C HIS C 97 -2.51 0.25 11.79
N THR C 98 -1.30 0.58 12.25
CA THR C 98 -0.44 1.52 11.54
C THR C 98 0.22 0.63 10.46
N MET C 99 0.92 1.23 9.50
CA MET C 99 1.58 0.45 8.47
C MET C 99 2.55 -0.54 9.11
N LEU C 100 3.25 -0.10 10.14
CA LEU C 100 4.19 -0.92 10.89
C LEU C 100 3.45 -2.10 11.54
N GLY C 101 2.36 -1.81 12.26
CA GLY C 101 1.58 -2.84 12.90
C GLY C 101 0.96 -3.83 11.94
N GLU C 102 0.53 -3.34 10.78
CA GLU C 102 -0.07 -4.19 9.77
C GLU C 102 0.88 -5.26 9.25
N ILE C 103 2.13 -4.85 9.01
CA ILE C 103 3.18 -5.74 8.53
C ILE C 103 3.59 -6.73 9.63
N LEU C 104 3.69 -6.26 10.87
CA LEU C 104 4.07 -7.11 12.00
C LEU C 104 3.06 -8.23 12.24
N ASN C 105 1.82 -8.02 11.78
CA ASN C 105 0.78 -9.02 11.95
C ASN C 105 0.82 -10.14 10.93
N TYR C 106 1.85 -10.14 10.09
CA TYR C 106 2.05 -11.19 9.10
C TYR C 106 3.29 -11.97 9.51
N TYR C 107 3.82 -11.65 10.70
CA TYR C 107 5.01 -12.28 11.23
C TYR C 107 4.81 -12.59 12.70
N THR C 108 5.52 -13.60 13.19
CA THR C 108 5.43 -14.04 14.56
C THR C 108 6.44 -13.37 15.52
N HIS C 109 7.58 -12.92 15.01
CA HIS C 109 8.62 -12.29 15.85
C HIS C 109 9.06 -10.95 15.29
N TRP C 110 9.44 -10.03 16.17
CA TRP C 110 9.93 -8.73 15.76
C TRP C 110 11.09 -8.34 16.69
N ALA C 111 12.02 -7.55 16.18
CA ALA C 111 13.17 -7.09 16.97
C ALA C 111 13.70 -5.82 16.33
N GLY C 112 14.22 -4.92 17.14
CA GLY C 112 14.74 -3.69 16.60
C GLY C 112 14.26 -2.46 17.33
N SER C 113 14.74 -1.30 16.89
CA SER C 113 14.38 -0.03 17.50
C SER C 113 13.26 0.64 16.73
N LEU C 114 12.50 1.49 17.42
CA LEU C 114 11.38 2.21 16.83
C LEU C 114 11.55 3.68 17.13
N LYS C 115 10.86 4.53 16.38
CA LYS C 115 10.91 5.96 16.63
C LYS C 115 9.54 6.59 16.47
N PHE C 116 9.18 7.45 17.43
CA PHE C 116 7.90 8.16 17.46
C PHE C 116 8.13 9.64 17.19
N THR C 117 7.50 10.17 16.16
CA THR C 117 7.62 11.58 15.81
C THR C 117 6.29 12.27 16.09
N PHE C 118 6.34 13.42 16.77
CA PHE C 118 5.14 14.18 17.08
C PHE C 118 5.16 15.53 16.39
N LEU C 119 4.04 15.88 15.76
CA LEU C 119 3.89 17.14 15.04
C LEU C 119 2.99 18.09 15.81
N PHE C 120 3.47 19.31 16.05
CA PHE C 120 2.68 20.32 16.76
C PHE C 120 1.88 21.13 15.73
N CYS C 121 0.55 21.06 15.85
CA CYS C 121 -0.33 21.79 14.92
C CYS C 121 -1.03 22.98 15.53
N GLY C 122 -0.38 23.63 16.48
CA GLY C 122 -0.95 24.82 17.10
C GLY C 122 -0.53 25.98 16.25
N SER C 123 -0.88 27.20 16.64
CA SER C 123 -0.49 28.36 15.85
C SER C 123 0.98 28.66 16.08
N MET C 124 1.50 29.59 15.29
CA MET C 124 2.88 30.00 15.40
C MET C 124 3.14 30.73 16.73
N MET C 125 2.11 31.39 17.25
CA MET C 125 2.21 32.13 18.50
C MET C 125 2.25 31.28 19.77
N ALA C 126 1.99 29.98 19.62
CA ALA C 126 1.98 29.05 20.75
C ALA C 126 3.36 28.48 21.02
N THR C 127 3.73 28.38 22.30
CA THR C 127 5.03 27.82 22.67
C THR C 127 4.80 26.75 23.75
N GLY C 128 5.86 26.04 24.13
CA GLY C 128 5.71 25.02 25.15
C GLY C 128 6.82 23.99 25.13
N LYS C 129 7.01 23.27 26.23
CA LYS C 129 8.02 22.23 26.34
C LYS C 129 7.29 20.98 26.84
N LEU C 130 7.52 19.85 26.17
CA LEU C 130 6.89 18.58 26.54
C LEU C 130 7.95 17.52 26.79
N LEU C 131 7.62 16.52 27.60
CA LEU C 131 8.55 15.44 27.90
C LEU C 131 7.98 14.13 27.35
N VAL C 132 8.66 13.52 26.39
CA VAL C 132 8.23 12.24 25.82
C VAL C 132 9.11 11.19 26.49
N SER C 133 8.49 10.11 26.96
CA SER C 133 9.20 9.09 27.70
C SER C 133 8.98 7.63 27.29
N TYR C 134 9.96 6.78 27.61
CA TYR C 134 9.91 5.35 27.35
C TYR C 134 10.50 4.64 28.57
N ALA C 135 9.71 3.76 29.19
CA ALA C 135 10.16 3.02 30.36
C ALA C 135 10.20 1.52 30.09
N PRO C 136 11.40 0.92 30.10
CA PRO C 136 11.50 -0.52 29.87
C PRO C 136 10.63 -1.26 30.91
N PRO C 137 10.05 -2.41 30.53
CA PRO C 137 9.18 -3.18 31.42
C PRO C 137 9.78 -3.58 32.78
N GLY C 138 8.93 -4.05 33.68
CA GLY C 138 9.42 -4.49 34.98
C GLY C 138 9.07 -3.71 36.22
N ALA C 139 8.74 -2.44 36.07
CA ALA C 139 8.37 -1.60 37.21
C ALA C 139 6.97 -1.09 36.96
N GLU C 140 6.49 -0.25 37.87
CA GLU C 140 5.17 0.34 37.74
C GLU C 140 5.15 1.32 36.55
N ALA C 141 4.08 1.26 35.75
CA ALA C 141 3.94 2.14 34.58
C ALA C 141 3.85 3.57 35.10
N PRO C 142 4.70 4.47 34.58
CA PRO C 142 4.72 5.87 35.02
C PRO C 142 3.38 6.60 34.95
N LYS C 143 3.03 7.23 36.07
CA LYS C 143 1.78 7.98 36.16
C LYS C 143 1.98 9.45 36.44
N SER C 144 3.23 9.86 36.64
CA SER C 144 3.55 11.24 36.91
C SER C 144 4.81 11.51 36.13
N ARG C 145 5.11 12.79 35.88
CA ARG C 145 6.31 13.15 35.15
C ARG C 145 7.54 12.73 35.94
N LYS C 146 7.40 12.71 37.26
CA LYS C 146 8.51 12.35 38.13
C LYS C 146 9.02 10.92 37.88
N GLU C 147 8.11 9.98 37.61
CA GLU C 147 8.50 8.60 37.33
C GLU C 147 9.00 8.43 35.89
N ALA C 148 8.34 9.11 34.97
CA ALA C 148 8.65 9.04 33.55
C ALA C 148 10.06 9.58 33.25
N MET C 149 10.41 10.66 33.92
CA MET C 149 11.70 11.31 33.76
C MET C 149 12.90 10.42 34.15
N LEU C 150 12.64 9.33 34.86
CA LEU C 150 13.69 8.40 35.28
C LEU C 150 14.08 7.38 34.20
N GLY C 151 13.30 7.34 33.12
CA GLY C 151 13.57 6.42 32.04
C GLY C 151 14.06 7.18 30.83
N THR C 152 14.06 6.53 29.66
CA THR C 152 14.49 7.17 28.43
C THR C 152 13.50 8.28 28.09
N HIS C 153 14.00 9.49 27.84
CA HIS C 153 13.09 10.58 27.52
C HIS C 153 13.74 11.69 26.71
N VAL C 154 12.92 12.41 25.95
CA VAL C 154 13.37 13.53 25.13
C VAL C 154 12.52 14.75 25.51
N ILE C 155 13.18 15.85 25.89
CA ILE C 155 12.46 17.08 26.24
C ILE C 155 12.36 17.91 24.96
N TRP C 156 11.13 17.97 24.46
CA TRP C 156 10.78 18.67 23.23
C TRP C 156 10.45 20.13 23.42
N ASP C 157 11.24 21.00 22.80
CA ASP C 157 10.98 22.43 22.86
C ASP C 157 10.32 22.80 21.54
N ILE C 158 9.12 23.35 21.62
CA ILE C 158 8.36 23.75 20.44
C ILE C 158 8.85 25.06 19.81
N GLY C 159 8.94 25.07 18.48
CA GLY C 159 9.41 26.25 17.78
C GLY C 159 9.39 26.01 16.29
N LEU C 160 10.34 26.60 15.57
CA LEU C 160 10.45 26.45 14.11
C LEU C 160 10.36 25.01 13.59
N GLN C 161 11.21 24.13 14.12
CA GLN C 161 11.18 22.73 13.74
C GLN C 161 9.93 22.24 14.46
N SER C 162 8.87 22.04 13.69
CA SER C 162 7.58 21.61 14.20
C SER C 162 7.47 20.26 14.86
N SER C 163 8.35 19.33 14.48
CA SER C 163 8.30 17.99 15.01
C SER C 163 9.47 17.58 15.90
N CYS C 164 9.28 16.50 16.65
CA CYS C 164 10.28 15.96 17.53
C CYS C 164 10.18 14.43 17.51
N THR C 165 11.32 13.78 17.42
CA THR C 165 11.41 12.32 17.36
C THR C 165 12.05 11.75 18.62
N MET C 166 11.42 10.70 19.16
CA MET C 166 11.96 10.00 20.31
C MET C 166 12.21 8.58 19.83
N VAL C 167 13.45 8.11 19.99
CA VAL C 167 13.80 6.76 19.57
C VAL C 167 13.63 5.83 20.78
N VAL C 168 12.90 4.74 20.56
CA VAL C 168 12.68 3.74 21.59
C VAL C 168 13.73 2.68 21.22
N PRO C 169 14.87 2.65 21.95
CA PRO C 169 15.94 1.69 21.68
C PRO C 169 15.55 0.25 21.93
N TRP C 170 16.23 -0.67 21.26
CA TRP C 170 15.97 -2.08 21.46
C TRP C 170 16.59 -2.49 22.80
N ILE C 171 15.76 -2.61 23.82
CA ILE C 171 16.22 -3.05 25.13
C ILE C 171 15.34 -4.25 25.42
N SER C 172 15.89 -5.45 25.25
CA SER C 172 15.12 -6.67 25.45
C SER C 172 15.97 -7.77 26.05
N ASN C 173 15.31 -8.75 26.67
CA ASN C 173 16.02 -9.89 27.23
C ASN C 173 16.16 -10.95 26.14
N THR C 174 15.06 -11.21 25.44
CA THR C 174 15.06 -12.20 24.36
C THR C 174 15.60 -11.56 23.09
N THR C 175 16.10 -12.38 22.16
CA THR C 175 16.65 -11.87 20.91
C THR C 175 15.57 -11.35 19.96
N TYR C 176 14.35 -11.81 20.16
CA TYR C 176 13.18 -11.42 19.37
C TYR C 176 11.98 -11.41 20.31
N ARG C 177 11.03 -10.52 20.04
CA ARG C 177 9.81 -10.44 20.83
C ARG C 177 8.68 -11.01 19.99
N GLN C 178 7.56 -11.35 20.64
CA GLN C 178 6.42 -11.90 19.92
C GLN C 178 5.45 -10.79 19.52
N THR C 179 4.72 -11.02 18.45
CA THR C 179 3.77 -10.04 17.96
C THR C 179 2.39 -10.13 18.64
N ILE C 180 2.34 -10.78 19.80
CA ILE C 180 1.10 -10.92 20.55
C ILE C 180 1.33 -10.34 21.93
N ASN C 181 0.26 -10.05 22.66
CA ASN C 181 0.41 -9.54 24.02
C ASN C 181 0.85 -10.73 24.86
N ASP C 182 2.07 -10.68 25.36
CA ASP C 182 2.62 -11.75 26.17
C ASP C 182 3.58 -11.08 27.15
N SER C 183 3.41 -11.36 28.43
CA SER C 183 4.25 -10.76 29.47
C SER C 183 5.70 -11.13 29.38
N PHE C 184 5.98 -12.35 28.94
CA PHE C 184 7.37 -12.77 28.84
C PHE C 184 8.17 -11.87 27.90
N THR C 185 7.54 -11.41 26.83
CA THR C 185 8.18 -10.52 25.85
C THR C 185 7.56 -9.12 25.84
N GLU C 186 7.20 -8.62 27.01
CA GLU C 186 6.61 -7.28 27.13
C GLU C 186 7.65 -6.21 26.82
N GLY C 187 7.22 -5.12 26.20
CA GLY C 187 8.14 -4.06 25.82
C GLY C 187 8.29 -2.78 26.63
N GLY C 188 7.34 -2.45 27.49
CA GLY C 188 7.48 -1.22 28.26
C GLY C 188 6.39 -0.20 27.99
N TYR C 189 6.59 1.01 28.48
CA TYR C 189 5.58 2.05 28.34
C TYR C 189 6.04 3.35 27.73
N ILE C 190 5.17 3.95 26.91
CA ILE C 190 5.44 5.25 26.29
C ILE C 190 4.42 6.21 26.89
N SER C 191 4.87 7.39 27.29
CA SER C 191 3.97 8.41 27.86
C SER C 191 4.49 9.81 27.55
N MET C 192 3.61 10.80 27.66
CA MET C 192 3.97 12.19 27.40
C MET C 192 3.44 13.06 28.53
N PHE C 193 4.20 14.09 28.90
CA PHE C 193 3.84 15.01 29.97
C PHE C 193 4.19 16.43 29.55
N TYR C 194 3.66 17.40 30.27
CA TYR C 194 3.99 18.80 30.03
C TYR C 194 5.24 19.04 30.85
N GLN C 195 6.26 19.65 30.25
CA GLN C 195 7.48 19.96 30.98
C GLN C 195 7.23 21.29 31.70
N THR C 196 6.77 22.29 30.96
CA THR C 196 6.40 23.59 31.49
C THR C 196 4.89 23.63 31.24
N ARG C 197 4.47 24.34 30.21
CA ARG C 197 3.06 24.39 29.84
C ARG C 197 2.95 25.05 28.48
N VAL C 198 1.83 24.86 27.79
CA VAL C 198 1.63 25.49 26.50
C VAL C 198 1.20 26.93 26.83
N VAL C 199 1.84 27.90 26.21
CA VAL C 199 1.53 29.31 26.45
C VAL C 199 1.18 29.99 25.14
N VAL C 200 0.08 30.72 25.13
CA VAL C 200 -0.35 31.46 23.94
C VAL C 200 -0.71 32.88 24.38
N PRO C 201 -0.57 33.87 23.47
CA PRO C 201 -0.91 35.25 23.82
C PRO C 201 -2.43 35.45 23.64
N LEU C 202 -2.90 36.69 23.66
CA LEU C 202 -4.33 36.92 23.47
C LEU C 202 -4.68 36.77 21.98
N SER C 203 -5.96 36.57 21.67
CA SER C 203 -6.44 36.41 20.28
C SER C 203 -5.89 35.18 19.57
N THR C 204 -5.47 34.19 20.36
CA THR C 204 -4.89 32.97 19.83
C THR C 204 -5.64 31.77 20.44
N PRO C 205 -5.83 30.70 19.65
CA PRO C 205 -6.53 29.50 20.14
C PRO C 205 -5.77 28.88 21.33
N ARG C 206 -6.50 28.55 22.39
CA ARG C 206 -5.90 27.98 23.61
C ARG C 206 -5.79 26.46 23.63
N LYS C 207 -6.35 25.82 22.61
CA LYS C 207 -6.33 24.37 22.47
C LYS C 207 -5.86 24.07 21.06
N MET C 208 -5.02 23.06 20.91
CA MET C 208 -4.50 22.68 19.60
C MET C 208 -4.19 21.21 19.59
N ASP C 209 -3.99 20.64 18.41
CA ASP C 209 -3.70 19.22 18.30
C ASP C 209 -2.24 18.93 18.00
N ILE C 210 -1.86 17.69 18.29
CA ILE C 210 -0.53 17.18 17.98
C ILE C 210 -0.87 15.85 17.31
N LEU C 211 -0.05 15.43 16.35
CA LEU C 211 -0.28 14.17 15.66
C LEU C 211 0.95 13.31 15.90
N GLY C 212 0.77 12.01 16.05
CA GLY C 212 1.87 11.12 16.29
C GLY C 212 2.14 10.21 15.12
N PHE C 213 3.41 9.89 14.89
CA PHE C 213 3.84 9.01 13.80
C PHE C 213 4.78 7.95 14.33
N VAL C 214 4.73 6.76 13.74
CA VAL C 214 5.60 5.66 14.15
C VAL C 214 6.23 4.97 12.93
N SER C 215 7.51 4.62 13.04
CA SER C 215 8.24 3.93 11.98
C SER C 215 9.36 3.10 12.62
N ALA C 216 9.87 2.13 11.89
CA ALA C 216 10.94 1.26 12.36
C ALA C 216 12.32 1.84 12.02
N CYS C 217 13.31 1.54 12.85
CA CYS C 217 14.67 1.99 12.60
C CYS C 217 15.37 1.00 11.68
N ASN C 218 16.59 1.34 11.26
CA ASN C 218 17.36 0.48 10.35
C ASN C 218 17.88 -0.86 10.89
N ASP C 219 17.60 -1.15 12.16
CA ASP C 219 18.03 -2.39 12.78
C ASP C 219 16.84 -3.27 13.10
N PHE C 220 15.70 -2.95 12.50
CA PHE C 220 14.45 -3.66 12.72
C PHE C 220 14.29 -4.84 11.77
N SER C 221 13.83 -5.97 12.30
CA SER C 221 13.58 -7.16 11.49
C SER C 221 12.45 -7.99 12.08
N VAL C 222 11.82 -8.79 11.24
CA VAL C 222 10.72 -9.67 11.64
C VAL C 222 11.00 -11.06 11.06
N ARG C 223 10.39 -12.09 11.63
CA ARG C 223 10.58 -13.45 11.12
C ARG C 223 9.37 -14.32 11.43
N LEU C 224 9.32 -15.50 10.79
CA LEU C 224 8.23 -16.48 10.89
C LEU C 224 6.91 -15.95 10.33
N LEU C 225 6.77 -16.05 9.02
CA LEU C 225 5.57 -15.59 8.32
C LEU C 225 4.35 -16.35 8.83
N ARG C 226 3.30 -15.61 9.16
CA ARG C 226 2.06 -16.18 9.64
C ARG C 226 0.89 -15.42 9.04
N ASP C 227 -0.31 -15.89 9.32
CA ASP C 227 -1.51 -15.25 8.82
C ASP C 227 -2.00 -14.18 9.77
N THR C 228 -2.53 -13.11 9.21
CA THR C 228 -3.03 -12.00 10.01
C THR C 228 -4.47 -12.23 10.44
N THR C 229 -4.85 -11.59 11.54
CA THR C 229 -6.22 -11.66 12.04
C THR C 229 -6.97 -10.43 11.55
N HIS C 230 -6.26 -9.54 10.83
CA HIS C 230 -6.86 -8.29 10.34
C HIS C 230 -7.73 -8.41 9.09
N ILE C 231 -7.94 -9.63 8.60
CA ILE C 231 -8.80 -9.87 7.44
C ILE C 231 -9.48 -11.23 7.65
N SER C 232 -10.77 -11.28 7.37
CA SER C 232 -11.56 -12.50 7.54
C SER C 232 -12.50 -12.64 6.36
N GLN C 233 -13.21 -13.76 6.32
CA GLN C 233 -14.16 -14.03 5.25
C GLN C 233 -15.24 -14.96 5.77
N GLU C 234 -16.47 -14.45 5.82
CA GLU C 234 -17.62 -15.21 6.29
C GLU C 234 -18.27 -15.90 5.12
N ALA C 235 -18.49 -17.21 5.25
CA ALA C 235 -19.10 -18.03 4.19
C ALA C 235 -18.28 -17.96 2.86
N GLY D 1 25.48 -28.10 -16.11
CA GLY D 1 24.55 -27.00 -15.86
C GLY D 1 24.10 -26.84 -14.41
N ALA D 2 24.82 -27.47 -13.50
CA ALA D 2 24.53 -27.40 -12.08
C ALA D 2 25.01 -26.10 -11.45
N GLN D 3 24.18 -25.56 -10.57
CA GLN D 3 24.47 -24.33 -9.85
C GLN D 3 24.72 -24.74 -8.40
N VAL D 4 25.89 -24.41 -7.88
CA VAL D 4 26.22 -24.77 -6.50
C VAL D 4 26.33 -23.52 -5.61
N SER D 5 25.38 -23.38 -4.68
CA SER D 5 25.38 -22.24 -3.77
C SER D 5 25.62 -22.75 -2.36
N SER D 6 25.91 -21.84 -1.45
CA SER D 6 26.14 -22.23 -0.07
C SER D 6 24.95 -21.84 0.79
N GLN D 7 24.71 -22.64 1.81
CA GLN D 7 23.61 -22.42 2.73
C GLN D 7 24.08 -21.55 3.89
N LYS D 8 23.13 -20.92 4.56
CA LYS D 8 23.41 -20.09 5.73
C LYS D 8 23.06 -21.01 6.88
N VAL D 9 24.06 -21.71 7.41
CA VAL D 9 23.84 -22.65 8.49
C VAL D 9 23.35 -21.99 9.80
N GLY D 10 22.16 -22.42 10.26
CA GLY D 10 21.59 -21.90 11.50
C GLY D 10 22.11 -22.72 12.68
N ALA D 11 21.47 -23.86 12.94
CA ALA D 11 21.91 -24.74 14.01
C ALA D 11 23.08 -25.59 13.51
N HIS D 12 24.17 -25.58 14.26
CA HIS D 12 25.37 -26.33 13.90
C HIS D 12 25.52 -27.64 14.65
N GLU D 13 25.80 -28.69 13.90
CA GLU D 13 26.01 -30.02 14.45
C GLU D 13 27.45 -30.00 14.98
N ASN D 14 27.76 -30.91 15.91
CA ASN D 14 29.11 -31.00 16.46
C ASN D 14 30.03 -31.70 15.44
N SER D 15 30.09 -31.14 14.23
CA SER D 15 30.90 -31.66 13.13
C SER D 15 31.62 -30.50 12.49
N ASN D 16 32.71 -30.81 11.80
CA ASN D 16 33.45 -29.79 11.08
C ASN D 16 32.74 -29.59 9.72
N ARG D 17 31.91 -30.57 9.38
CA ARG D 17 31.08 -30.56 8.17
C ARG D 17 30.00 -29.48 8.29
N ALA D 18 29.69 -29.09 9.53
CA ALA D 18 28.68 -28.07 9.82
C ALA D 18 29.28 -26.66 9.63
N TYR D 19 30.60 -26.61 9.45
CA TYR D 19 31.30 -25.35 9.31
C TYR D 19 32.03 -25.16 7.98
N GLY D 20 32.15 -26.23 7.20
CA GLY D 20 32.85 -26.11 5.93
C GLY D 20 32.55 -27.25 4.97
N GLY D 21 33.21 -27.21 3.82
CA GLY D 21 33.05 -28.24 2.80
C GLY D 21 31.75 -28.17 2.01
N SER D 22 31.56 -29.16 1.13
CA SER D 22 30.36 -29.23 0.29
C SER D 22 29.13 -29.54 1.16
N THR D 23 29.40 -29.89 2.42
CA THR D 23 28.37 -30.21 3.39
C THR D 23 27.53 -28.98 3.80
N ILE D 24 27.98 -27.78 3.42
CA ILE D 24 27.22 -26.56 3.71
C ILE D 24 26.88 -25.85 2.37
N ASN D 25 26.87 -26.63 1.29
CA ASN D 25 26.54 -26.16 -0.04
C ASN D 25 25.33 -26.96 -0.48
N TYR D 26 24.61 -26.45 -1.48
CA TYR D 26 23.47 -27.17 -2.01
C TYR D 26 23.58 -27.04 -3.53
N THR D 27 23.11 -28.05 -4.23
CA THR D 27 23.20 -28.09 -5.69
C THR D 27 21.85 -27.96 -6.38
N THR D 28 21.84 -27.25 -7.50
CA THR D 28 20.62 -26.98 -8.29
C THR D 28 20.84 -27.21 -9.80
N ILE D 29 19.87 -27.80 -10.48
CA ILE D 29 19.93 -28.01 -11.93
C ILE D 29 18.53 -27.76 -12.50
N ASN D 30 18.41 -26.91 -13.51
CA ASN D 30 17.10 -26.63 -14.11
C ASN D 30 16.81 -27.72 -15.14
N TYR D 31 15.59 -28.25 -15.09
CA TYR D 31 15.19 -29.32 -15.99
C TYR D 31 14.27 -28.83 -17.09
N TYR D 32 13.74 -27.62 -16.96
CA TYR D 32 12.80 -27.10 -17.94
C TYR D 32 13.34 -25.91 -18.73
N ARG D 33 12.93 -25.82 -20.00
CA ARG D 33 13.34 -24.74 -20.90
C ARG D 33 12.74 -23.38 -20.56
N ASP D 34 11.50 -23.37 -20.09
CA ASP D 34 10.82 -22.15 -19.73
C ASP D 34 11.24 -21.73 -18.33
N SER D 35 11.65 -20.48 -18.17
CA SER D 35 12.07 -19.95 -16.89
C SER D 35 10.93 -19.98 -15.85
N ALA D 36 9.69 -20.03 -16.31
CA ALA D 36 8.53 -20.08 -15.44
C ALA D 36 8.50 -21.35 -14.60
N SER D 37 9.06 -22.44 -15.14
CA SER D 37 9.12 -23.74 -14.49
C SER D 37 10.11 -23.78 -13.33
N ASN D 38 11.05 -22.84 -13.35
CA ASN D 38 12.08 -22.75 -12.34
C ASN D 38 11.52 -22.46 -10.96
N ALA D 39 12.26 -22.85 -9.94
CA ALA D 39 11.89 -22.60 -8.56
C ALA D 39 12.42 -21.19 -8.27
N ALA D 40 12.19 -20.67 -7.06
CA ALA D 40 12.71 -19.35 -6.73
C ALA D 40 14.10 -19.57 -6.12
N SER D 41 15.11 -18.81 -6.56
CA SER D 41 16.46 -19.00 -6.02
C SER D 41 16.55 -18.54 -4.57
N LYS D 42 15.81 -17.48 -4.27
CA LYS D 42 15.72 -16.87 -2.95
C LYS D 42 16.99 -16.14 -2.47
N GLN D 43 17.90 -15.90 -3.40
CA GLN D 43 19.13 -15.15 -3.14
C GLN D 43 18.73 -13.75 -3.63
N ASP D 44 17.82 -13.13 -2.89
CA ASP D 44 17.25 -11.83 -3.24
C ASP D 44 17.85 -10.60 -2.60
N PHE D 45 18.09 -9.57 -3.40
CA PHE D 45 18.67 -8.34 -2.90
C PHE D 45 17.71 -7.34 -2.26
N ALA D 46 18.29 -6.35 -1.59
CA ALA D 46 17.58 -5.29 -0.90
C ALA D 46 17.88 -3.99 -1.61
N GLN D 47 17.36 -2.88 -1.09
CA GLN D 47 17.57 -1.56 -1.68
C GLN D 47 17.39 -0.46 -0.65
N ASP D 48 17.61 0.77 -1.09
CA ASP D 48 17.48 1.98 -0.28
C ASP D 48 15.99 2.39 -0.24
N PRO D 49 15.44 2.59 0.99
CA PRO D 49 14.05 2.99 1.19
C PRO D 49 13.82 4.47 0.89
N SER D 50 14.91 5.19 0.65
CA SER D 50 14.86 6.63 0.38
C SER D 50 13.76 7.11 -0.55
N LYS D 51 13.44 6.34 -1.59
CA LYS D 51 12.40 6.74 -2.53
C LYS D 51 11.03 6.90 -1.83
N PHE D 52 10.90 6.29 -0.65
CA PHE D 52 9.68 6.34 0.14
C PHE D 52 9.87 7.15 1.41
N THR D 53 10.98 6.90 2.10
CA THR D 53 11.28 7.57 3.36
C THR D 53 11.72 9.02 3.23
N GLU D 54 12.41 9.36 2.14
CA GLU D 54 12.86 10.73 1.92
C GLU D 54 12.80 11.17 0.46
N PRO D 55 11.58 11.25 -0.11
CA PRO D 55 11.39 11.66 -1.51
C PRO D 55 11.50 13.19 -1.65
N ILE D 56 12.48 13.75 -0.96
CA ILE D 56 12.72 15.18 -0.93
C ILE D 56 13.65 15.63 -2.04
N LYS D 57 13.34 16.79 -2.60
CA LYS D 57 14.14 17.36 -3.69
C LYS D 57 15.51 17.82 -3.19
N ASP D 58 15.51 18.68 -2.18
CA ASP D 58 16.75 19.20 -1.61
C ASP D 58 17.16 18.37 -0.38
N VAL D 59 18.10 17.46 -0.60
CA VAL D 59 18.62 16.56 0.44
C VAL D 59 18.98 17.26 1.77
N LEU D 60 18.51 16.70 2.88
CA LEU D 60 18.79 17.27 4.22
C LEU D 60 19.49 16.32 5.21
N ILE D 61 20.37 16.86 6.06
CA ILE D 61 21.09 16.08 7.08
C ILE D 61 20.26 16.07 8.38
N LYS D 62 20.18 14.91 9.04
CA LYS D 62 19.41 14.81 10.30
C LYS D 62 19.94 15.74 11.41
N THR D 63 21.25 15.94 11.46
CA THR D 63 21.85 16.81 12.48
C THR D 63 21.50 18.27 12.21
N ALA D 64 21.42 18.61 10.91
CA ALA D 64 21.12 19.95 10.46
C ALA D 64 19.60 20.24 10.47
N PRO D 65 19.22 21.54 10.62
CA PRO D 65 17.81 21.96 10.65
C PRO D 65 17.09 21.60 9.35
N THR D 66 15.97 20.89 9.50
CA THR D 66 15.17 20.47 8.35
C THR D 66 14.60 21.71 7.64
N LEU D 67 14.01 22.61 8.43
CA LEU D 67 13.45 23.86 7.91
C LEU D 67 14.55 24.88 8.02
N ASN D 68 15.06 25.25 6.86
CA ASN D 68 16.15 26.20 6.78
C ASN D 68 15.73 27.35 5.83
C1 SC4 E . -2.67 -12.08 -11.95
C2 SC4 E . -3.12 -13.06 -12.81
C3 SC4 E . -3.75 -14.24 -12.32
C4 SC4 E . -3.92 -14.42 -10.91
CL1 SC4 E . -4.72 -15.86 -10.26
CL2 SC4 E . -2.24 -22.49 -18.70
CL3 SC4 E . -4.67 -22.59 -13.65
C5 SC4 E . -3.45 -13.42 -10.04
C6 SC4 E . -2.83 -12.23 -10.56
O1 SC4 E . -4.17 -15.18 -13.23
C7 SC4 E . -3.58 -15.13 -14.56
C10 SC4 E . -3.81 -17.92 -17.11
C11 SC4 E . -3.93 -19.03 -16.28
C12 SC4 E . -3.94 -18.87 -14.90
C13 SC4 E . -3.82 -17.61 -14.35
C8 SC4 E . -3.70 -16.48 -15.17
C9 SC4 E . -3.69 -16.65 -16.56
O3 SC4 E . -2.40 -11.30 -9.62
C21 SC4 E . -2.07 -9.93 -9.94
C14 SC4 E . -4.05 -20.39 -16.86
O2 SC4 E . -3.28 -21.30 -16.06
C16 SC4 E . -3.10 -23.33 -17.42
C17 SC4 E . -3.35 -24.70 -17.56
C18 SC4 E . -4.01 -25.42 -16.53
C19 SC4 E . -4.43 -24.76 -15.33
C20 SC4 E . -4.18 -23.37 -15.16
C15 SC4 E . -3.52 -22.64 -16.21
C1 MYR F . 25.06 -29.36 -16.11
O1 MYR F . 23.89 -29.66 -15.85
C2 MYR F . 26.09 -30.45 -16.37
C3 MYR F . 25.98 -31.54 -15.29
C4 MYR F . 25.27 -32.82 -15.73
C5 MYR F . 24.78 -33.62 -14.49
C6 MYR F . 23.64 -34.59 -14.83
C7 MYR F . 22.28 -33.87 -14.88
C8 MYR F . 21.14 -34.68 -14.20
C9 MYR F . 20.07 -35.12 -15.22
C10 MYR F . 19.46 -34.00 -16.11
#